data_4AIR
#
_entry.id   4AIR
#
_cell.length_a   48.958
_cell.length_b   86.325
_cell.length_c   134.019
_cell.angle_alpha   90.00
_cell.angle_beta   90.00
_cell.angle_gamma   90.00
#
_symmetry.space_group_name_H-M   'P 21 21 21'
#
loop_
_entity.id
_entity.type
_entity.pdbx_description
1 polymer 'Cysteine synthase'
2 polymer FGA-FGA-FGA-FGA-FGA
3 polymer FGA-FGA-FGA-FGA
4 non-polymer 'CHLORIDE ION'
5 water water
#
loop_
_entity_poly.entity_id
_entity_poly.type
_entity_poly.pdbx_seq_one_letter_code
_entity_poly.pdbx_strand_id
1 'polypeptide(L)'
;MGSSHHHHHHSSGENLYFQGHMAAPFDKSRNVAQSIDQLIGQTPALYLNKLNNTKAKVVLKMECENPMASVKDRLGFAIY
DKAEKEGKLIPGKSVVVESSSGNTGVSLAHLGAIRGYKVIITMPESMSLERRCLLRIFGAEVILTPAALGMKGAVTMAKK
IVTANPNAVLADQFATKYNALIHEETTGPEIWEQTNHNVDCFIAGVGTGGTLTGVARALKKMGSHARIVAVEPMESPVLS
GGKPGAHKIQGIGPGFVPDVLDRSLIDEVFCVAGDDAIETALKLTRSDGVFCGFSGGANVYAALKIAERPEMEGKTIVTI
IPSFGERYLSTALYRSVRDEVSSLPVVDASELQD
;
A,B
2 'polypeptide(L)' (FGA)(FGA)(FGA)(FGA)(FGA) C
3 'polypeptide(L)' (FGA)(FGA)(FGA)(FGA) D
#
loop_
_chem_comp.id
_chem_comp.type
_chem_comp.name
_chem_comp.formula
CL non-polymer 'CHLORIDE ION' 'Cl -1'
FGA D-gamma-peptide, C-delta linking 'GAMMA-D-GLUTAMIC ACID' 'C5 H9 N O4'
#
# COMPACT_ATOMS: atom_id res chain seq x y z
N ALA A 24 -11.58 20.20 -16.30
CA ALA A 24 -12.31 19.24 -15.44
C ALA A 24 -11.47 17.97 -15.23
N PRO A 25 -10.58 17.95 -14.21
CA PRO A 25 -9.71 16.80 -13.92
C PRO A 25 -10.31 15.72 -13.00
N PHE A 26 -10.20 14.46 -13.42
CA PHE A 26 -10.77 13.27 -12.73
C PHE A 26 -10.67 13.30 -11.19
N ASP A 27 -11.82 13.21 -10.53
CA ASP A 27 -11.89 13.17 -9.08
C ASP A 27 -12.10 11.74 -8.60
N LYS A 28 -11.03 11.11 -8.12
CA LYS A 28 -11.05 9.67 -7.76
C LYS A 28 -11.85 9.31 -6.51
N SER A 29 -12.11 10.29 -5.64
CA SER A 29 -12.98 10.03 -4.48
C SER A 29 -14.48 10.02 -4.86
N ARG A 30 -14.82 10.60 -6.00
CA ARG A 30 -16.25 10.70 -6.40
C ARG A 30 -16.70 10.01 -7.70
N ASN A 31 -15.76 9.45 -8.46
N ASN A 31 -15.79 9.46 -8.49
CA ASN A 31 -16.02 8.82 -9.78
CA ASN A 31 -16.17 8.71 -9.71
C ASN A 31 -15.22 7.50 -10.01
C ASN A 31 -15.37 7.41 -9.88
N VAL A 32 -15.70 6.64 -10.92
CA VAL A 32 -15.01 5.36 -11.21
C VAL A 32 -13.91 5.53 -12.29
N ALA A 33 -12.68 5.11 -11.96
CA ALA A 33 -11.54 5.18 -12.87
C ALA A 33 -11.63 4.15 -14.01
N GLN A 34 -11.15 4.51 -15.20
CA GLN A 34 -11.01 3.57 -16.32
C GLN A 34 -9.77 2.72 -16.24
N SER A 35 -8.76 3.19 -15.51
CA SER A 35 -7.45 2.56 -15.47
C SER A 35 -6.75 2.91 -14.15
N ILE A 36 -6.01 1.94 -13.62
CA ILE A 36 -5.27 2.12 -12.36
C ILE A 36 -4.26 3.27 -12.49
N ASP A 37 -3.86 3.61 -13.74
CA ASP A 37 -3.07 4.84 -14.06
C ASP A 37 -3.60 6.09 -13.45
N GLN A 38 -4.93 6.23 -13.50
CA GLN A 38 -5.59 7.44 -13.00
C GLN A 38 -5.54 7.56 -11.50
N LEU A 39 -5.14 6.47 -10.82
CA LEU A 39 -4.99 6.50 -9.38
C LEU A 39 -3.57 6.85 -8.92
N ILE A 40 -2.67 7.00 -9.87
CA ILE A 40 -1.27 7.40 -9.56
C ILE A 40 -1.23 8.89 -9.25
N GLY A 41 -0.43 9.25 -8.26
CA GLY A 41 -0.31 10.67 -7.84
C GLY A 41 -1.55 11.09 -7.08
N GLN A 42 -1.76 12.41 -6.99
CA GLN A 42 -2.82 12.96 -6.17
C GLN A 42 -2.86 12.28 -4.81
N THR A 43 -1.68 12.19 -4.21
CA THR A 43 -1.47 11.58 -2.92
C THR A 43 -1.81 12.57 -1.80
N PRO A 44 -2.10 12.06 -0.59
CA PRO A 44 -2.43 12.93 0.53
C PRO A 44 -1.21 13.57 1.15
N ALA A 45 -1.47 14.56 1.99
CA ALA A 45 -0.43 15.23 2.74
C ALA A 45 -0.88 15.19 4.19
N LEU A 46 0.08 15.03 5.11
CA LEU A 46 -0.20 14.72 6.49
C LEU A 46 0.74 15.49 7.42
N TYR A 47 0.18 16.16 8.43
CA TYR A 47 1.01 16.82 9.45
C TYR A 47 1.68 15.82 10.40
N LEU A 48 2.98 15.99 10.65
CA LEU A 48 3.67 15.24 11.69
C LEU A 48 3.25 15.86 13.02
N ASN A 49 2.80 15.02 13.97
N ASN A 49 2.68 15.05 13.91
CA ASN A 49 2.35 15.51 15.25
CA ASN A 49 2.02 15.58 15.09
C ASN A 49 3.08 14.96 16.47
C ASN A 49 2.86 15.27 16.31
N LYS A 50 2.80 13.76 16.96
N LYS A 50 2.77 14.02 16.75
CA LYS A 50 3.48 13.34 18.17
CA LYS A 50 3.43 13.56 17.98
C LYS A 50 5.00 13.44 18.06
C LYS A 50 4.95 13.63 17.96
N LEU A 51 5.56 13.16 16.88
CA LEU A 51 7.03 13.20 16.74
C LEU A 51 7.61 14.63 16.63
N ASN A 52 6.76 15.61 16.35
CA ASN A 52 7.23 16.99 16.20
C ASN A 52 6.94 17.79 17.49
N ASN A 53 7.99 17.99 18.29
N ASN A 53 7.93 18.04 18.34
CA ASN A 53 7.92 18.82 19.51
CA ASN A 53 7.65 18.90 19.50
C ASN A 53 8.52 20.20 19.30
C ASN A 53 8.15 20.33 19.30
N THR A 54 8.49 20.68 18.04
CA THR A 54 8.96 22.00 17.71
C THR A 54 7.85 23.00 17.50
N LYS A 55 8.23 24.24 17.24
CA LYS A 55 7.29 25.30 16.90
C LYS A 55 7.09 25.48 15.37
N ALA A 56 7.62 24.56 14.56
CA ALA A 56 7.40 24.57 13.13
C ALA A 56 6.35 23.51 12.80
N LYS A 57 5.74 23.64 11.62
CA LYS A 57 4.83 22.62 11.09
C LYS A 57 5.62 21.80 10.07
N VAL A 58 5.47 20.47 10.12
CA VAL A 58 6.12 19.55 9.23
C VAL A 58 4.99 18.79 8.52
N VAL A 59 4.98 18.94 7.21
CA VAL A 59 4.01 18.32 6.33
C VAL A 59 4.71 17.18 5.60
N LEU A 60 4.08 15.99 5.63
CA LEU A 60 4.61 14.83 4.88
C LEU A 60 3.78 14.59 3.60
N LYS A 61 4.46 14.62 2.43
CA LYS A 61 3.82 14.26 1.17
C LYS A 61 3.87 12.75 1.05
N MET A 62 2.67 12.12 1.10
CA MET A 62 2.56 10.69 1.36
C MET A 62 2.60 9.84 0.07
N GLU A 63 3.79 9.79 -0.54
CA GLU A 63 4.01 9.05 -1.78
C GLU A 63 3.94 7.54 -1.64
N CYS A 64 4.02 7.13 -0.40
CA CYS A 64 3.78 5.75 0.01
C CYS A 64 2.35 5.31 -0.28
N GLU A 65 1.43 6.25 -0.57
CA GLU A 65 0.03 5.93 -0.83
C GLU A 65 -0.31 5.70 -2.30
N ASN A 66 0.68 5.81 -3.18
CA ASN A 66 0.48 5.45 -4.59
C ASN A 66 0.06 3.96 -4.71
N PRO A 67 -0.54 3.58 -5.86
CA PRO A 67 -1.07 2.25 -6.12
C PRO A 67 -0.09 1.09 -5.96
N MET A 68 1.18 1.28 -6.29
CA MET A 68 2.19 0.25 -6.05
C MET A 68 3.19 0.70 -4.96
N ALA A 69 2.72 1.60 -4.10
CA ALA A 69 3.32 1.89 -2.77
C ALA A 69 4.65 2.64 -2.84
N SER A 70 4.82 3.42 -3.88
CA SER A 70 5.95 4.36 -3.90
C SER A 70 5.84 5.45 -4.93
N VAL A 71 6.64 6.49 -4.69
CA VAL A 71 6.79 7.64 -5.58
C VAL A 71 7.09 7.27 -7.02
N LYS A 72 7.79 6.15 -7.21
CA LYS A 72 8.23 5.74 -8.55
C LYS A 72 7.08 5.35 -9.48
N ASP A 73 5.87 5.12 -8.92
CA ASP A 73 4.70 4.99 -9.78
C ASP A 73 4.53 6.19 -10.72
N ARG A 74 4.83 7.38 -10.24
CA ARG A 74 4.76 8.58 -11.09
C ARG A 74 5.75 8.53 -12.24
N LEU A 75 6.97 8.05 -11.95
CA LEU A 75 8.01 7.90 -12.98
C LEU A 75 7.67 6.80 -13.99
N GLY A 76 7.20 5.64 -13.49
CA GLY A 76 6.70 4.59 -14.37
C GLY A 76 5.66 5.07 -15.37
N PHE A 77 4.65 5.75 -14.85
CA PHE A 77 3.62 6.30 -15.69
C PHE A 77 4.19 7.32 -16.67
N ALA A 78 5.05 8.23 -16.21
CA ALA A 78 5.62 9.25 -17.10
C ALA A 78 6.40 8.60 -18.26
N ILE A 79 7.15 7.57 -17.94
CA ILE A 79 7.91 6.82 -18.93
C ILE A 79 7.02 6.28 -20.03
N TYR A 80 6.00 5.48 -19.67
CA TYR A 80 5.11 4.93 -20.69
C TYR A 80 4.28 5.99 -21.41
N ASP A 81 3.68 6.89 -20.64
CA ASP A 81 2.77 7.89 -21.22
C ASP A 81 3.53 8.83 -22.17
N LYS A 82 4.66 9.35 -21.70
CA LYS A 82 5.43 10.31 -22.51
C LYS A 82 6.19 9.62 -23.64
N ALA A 83 6.80 8.45 -23.41
CA ALA A 83 7.45 7.74 -24.51
C ALA A 83 6.48 7.33 -25.62
N GLU A 84 5.30 6.88 -25.23
CA GLU A 84 4.26 6.54 -26.23
C GLU A 84 3.83 7.74 -27.09
N LYS A 85 3.64 8.88 -26.44
N LYS A 85 3.63 8.91 -26.50
CA LYS A 85 3.17 10.10 -27.09
CA LYS A 85 3.20 10.05 -27.31
C LYS A 85 4.21 10.64 -28.05
C LYS A 85 4.33 10.49 -28.28
N GLU A 86 5.48 10.24 -27.84
N GLU A 86 5.59 10.25 -27.86
CA GLU A 86 6.60 10.62 -28.70
CA GLU A 86 6.77 10.52 -28.70
C GLU A 86 7.01 9.49 -29.68
C GLU A 86 7.00 9.48 -29.77
N GLY A 87 6.25 8.39 -29.71
CA GLY A 87 6.47 7.25 -30.57
C GLY A 87 7.71 6.40 -30.26
N LYS A 88 8.30 6.62 -29.09
N LYS A 88 8.29 6.58 -29.08
CA LYS A 88 9.53 5.92 -28.69
CA LYS A 88 9.52 5.87 -28.72
C LYS A 88 9.23 4.55 -28.07
C LYS A 88 9.27 4.59 -27.92
N LEU A 89 8.02 4.38 -27.54
CA LEU A 89 7.54 3.07 -27.11
C LEU A 89 6.27 2.77 -27.89
N ILE A 90 6.17 1.55 -28.41
N ILE A 90 6.19 1.56 -28.45
CA ILE A 90 5.06 1.10 -29.23
CA ILE A 90 5.04 1.15 -29.25
C ILE A 90 4.39 -0.10 -28.58
C ILE A 90 4.40 -0.05 -28.57
N PRO A 91 3.14 0.07 -28.13
CA PRO A 91 2.53 -1.03 -27.36
C PRO A 91 2.45 -2.32 -28.18
N GLY A 92 2.76 -3.44 -27.53
CA GLY A 92 2.79 -4.75 -28.18
C GLY A 92 3.93 -5.01 -29.15
N LYS A 93 4.86 -4.05 -29.28
CA LYS A 93 6.02 -4.21 -30.15
C LYS A 93 7.31 -3.99 -29.33
N SER A 94 7.36 -2.91 -28.56
CA SER A 94 8.57 -2.59 -27.81
C SER A 94 8.73 -3.55 -26.64
N VAL A 95 9.97 -3.94 -26.39
CA VAL A 95 10.34 -4.68 -25.20
C VAL A 95 11.10 -3.75 -24.25
N VAL A 96 10.53 -3.53 -23.07
CA VAL A 96 11.08 -2.58 -22.11
C VAL A 96 12.10 -3.31 -21.23
N VAL A 97 13.32 -2.78 -21.18
CA VAL A 97 14.40 -3.40 -20.44
C VAL A 97 14.99 -2.41 -19.45
N GLU A 98 15.04 -2.85 -18.19
CA GLU A 98 15.47 -2.02 -17.10
C GLU A 98 16.37 -2.79 -16.14
N SER A 99 17.50 -2.17 -15.81
N SER A 99 17.52 -2.22 -15.78
CA SER A 99 18.41 -2.63 -14.79
CA SER A 99 18.31 -2.75 -14.66
C SER A 99 18.05 -1.97 -13.47
C SER A 99 17.80 -2.05 -13.42
N SER A 100 17.18 -2.61 -12.67
N SER A 100 17.53 -2.80 -12.35
CA SER A 100 16.78 -2.02 -11.37
CA SER A 100 16.88 -2.20 -11.17
C SER A 100 16.49 -3.06 -10.26
C SER A 100 16.83 -3.09 -9.94
N SER A 101 17.16 -2.88 -9.13
N SER A 101 17.36 -2.58 -8.83
CA SER A 101 16.85 -3.63 -7.92
CA SER A 101 17.22 -3.26 -7.55
C SER A 101 15.93 -2.80 -7.01
C SER A 101 16.20 -2.54 -6.66
N GLY A 102 15.25 -1.79 -7.58
N GLY A 102 15.27 -1.80 -7.27
CA GLY A 102 14.41 -0.87 -6.79
CA GLY A 102 14.29 -1.05 -6.47
C GLY A 102 12.97 -0.67 -7.23
C GLY A 102 12.95 -0.75 -7.11
N ASN A 103 12.34 0.33 -6.64
CA ASN A 103 10.95 0.66 -6.96
C ASN A 103 10.72 1.09 -8.41
N THR A 104 11.75 1.64 -9.06
CA THR A 104 11.64 2.01 -10.45
C THR A 104 11.34 0.77 -11.31
N GLY A 105 12.04 -0.32 -11.03
CA GLY A 105 11.77 -1.59 -11.74
C GLY A 105 10.40 -2.17 -11.46
N VAL A 106 9.98 -2.08 -10.20
CA VAL A 106 8.66 -2.53 -9.81
C VAL A 106 7.59 -1.76 -10.58
N SER A 107 7.70 -0.42 -10.63
N SER A 107 7.75 -0.44 -10.64
CA SER A 107 6.68 0.35 -11.38
CA SER A 107 6.76 0.41 -11.31
C SER A 107 6.70 0.03 -12.86
C SER A 107 6.73 0.20 -12.83
N LEU A 108 7.89 -0.06 -13.45
CA LEU A 108 7.95 -0.38 -14.89
C LEU A 108 7.34 -1.72 -15.21
N ALA A 109 7.53 -2.69 -14.32
CA ALA A 109 6.95 -4.01 -14.53
C ALA A 109 5.43 -3.99 -14.36
N HIS A 110 4.99 -3.28 -13.33
CA HIS A 110 3.54 -3.17 -13.02
C HIS A 110 2.74 -2.54 -14.17
N LEU A 111 3.17 -1.35 -14.55
CA LEU A 111 2.47 -0.59 -15.59
C LEU A 111 2.71 -1.20 -16.99
N GLY A 112 3.85 -1.85 -17.22
CA GLY A 112 4.10 -2.51 -18.49
C GLY A 112 3.11 -3.63 -18.78
N ALA A 113 2.79 -4.39 -17.75
CA ALA A 113 1.89 -5.53 -17.89
C ALA A 113 0.53 -5.06 -18.37
N ILE A 114 0.03 -4.00 -17.72
N ILE A 114 0.00 -4.01 -17.74
CA ILE A 114 -1.30 -3.46 -18.04
CA ILE A 114 -1.37 -3.58 -18.09
C ILE A 114 -1.37 -3.10 -19.51
C ILE A 114 -1.44 -2.85 -19.43
N ARG A 115 -0.30 -2.47 -19.99
CA ARG A 115 -0.24 -1.91 -21.34
C ARG A 115 0.15 -2.94 -22.39
N GLY A 116 0.46 -4.16 -21.95
CA GLY A 116 0.74 -5.26 -22.87
C GLY A 116 2.18 -5.34 -23.35
N TYR A 117 3.08 -4.60 -22.70
CA TYR A 117 4.50 -4.71 -23.01
C TYR A 117 5.12 -5.90 -22.30
N LYS A 118 6.06 -6.56 -22.99
CA LYS A 118 7.00 -7.46 -22.33
C LYS A 118 8.00 -6.56 -21.63
N VAL A 119 8.26 -6.86 -20.36
CA VAL A 119 9.24 -6.14 -19.53
C VAL A 119 10.31 -7.14 -19.05
N ILE A 120 11.57 -6.79 -19.23
CA ILE A 120 12.70 -7.58 -18.76
C ILE A 120 13.47 -6.73 -17.75
N ILE A 121 13.60 -7.25 -16.53
CA ILE A 121 14.35 -6.59 -15.45
C ILE A 121 15.62 -7.39 -15.16
N THR A 122 16.78 -6.73 -15.25
CA THR A 122 18.02 -7.30 -14.75
C THR A 122 18.35 -6.84 -13.32
N MET A 123 18.73 -7.79 -12.46
N MET A 123 18.81 -7.80 -12.50
CA MET A 123 19.22 -7.45 -11.13
CA MET A 123 19.16 -7.55 -11.11
C MET A 123 20.12 -8.53 -10.55
C MET A 123 20.24 -8.54 -10.66
N PRO A 124 21.05 -8.15 -9.67
CA PRO A 124 21.93 -9.17 -9.06
C PRO A 124 21.20 -10.28 -8.32
N GLU A 125 21.80 -11.47 -8.35
CA GLU A 125 21.30 -12.65 -7.67
C GLU A 125 21.23 -12.43 -6.17
N SER A 126 21.94 -11.43 -5.66
CA SER A 126 21.96 -11.17 -4.24
C SER A 126 20.71 -10.46 -3.69
N MET A 127 19.89 -9.87 -4.56
N MET A 127 19.91 -9.83 -4.57
CA MET A 127 18.61 -9.28 -4.11
CA MET A 127 18.60 -9.26 -4.13
C MET A 127 17.69 -10.38 -3.62
C MET A 127 17.70 -10.38 -3.62
N SER A 128 16.76 -10.01 -2.73
CA SER A 128 15.87 -10.98 -2.11
C SER A 128 14.98 -11.68 -3.10
N LEU A 129 14.60 -12.89 -2.74
CA LEU A 129 13.56 -13.63 -3.44
C LEU A 129 12.28 -12.84 -3.47
N GLU A 130 11.97 -12.17 -2.36
CA GLU A 130 10.75 -11.36 -2.31
C GLU A 130 10.71 -10.38 -3.46
N ARG A 131 11.84 -9.73 -3.72
N ARG A 131 11.81 -9.68 -3.74
CA ARG A 131 11.95 -8.77 -4.80
CA ARG A 131 11.80 -8.76 -4.88
C ARG A 131 11.83 -9.39 -6.20
C ARG A 131 11.63 -9.51 -6.18
N ARG A 132 12.40 -10.59 -6.38
CA ARG A 132 12.19 -11.35 -7.62
C ARG A 132 10.73 -11.70 -7.77
N CYS A 133 10.09 -12.11 -6.66
CA CYS A 133 8.71 -12.56 -6.68
C CYS A 133 7.78 -11.41 -7.07
N LEU A 134 7.99 -10.22 -6.50
CA LEU A 134 7.16 -9.05 -6.79
C LEU A 134 7.15 -8.74 -8.28
N LEU A 135 8.34 -8.66 -8.89
CA LEU A 135 8.48 -8.40 -10.31
C LEU A 135 7.82 -9.49 -11.15
N ARG A 136 8.01 -10.75 -10.78
CA ARG A 136 7.45 -11.86 -11.51
C ARG A 136 5.92 -11.96 -11.40
N ILE A 137 5.36 -11.45 -10.31
CA ILE A 137 3.88 -11.36 -10.17
C ILE A 137 3.27 -10.52 -11.33
N PHE A 138 3.97 -9.46 -11.72
N PHE A 138 3.95 -9.47 -11.74
CA PHE A 138 3.56 -8.63 -12.87
CA PHE A 138 3.53 -8.65 -12.88
C PHE A 138 3.75 -9.31 -14.23
C PHE A 138 3.92 -9.22 -14.25
N GLY A 139 4.47 -10.44 -14.27
CA GLY A 139 4.81 -11.11 -15.52
C GLY A 139 6.12 -10.67 -16.16
N ALA A 140 6.91 -9.90 -15.43
CA ALA A 140 8.20 -9.46 -15.95
C ALA A 140 9.14 -10.67 -16.08
N GLU A 141 10.01 -10.66 -17.10
N GLU A 141 10.06 -10.59 -17.03
N GLU A 141 10.06 -10.59 -17.02
CA GLU A 141 11.12 -11.63 -17.15
CA GLU A 141 11.10 -11.59 -17.18
CA GLU A 141 11.10 -11.60 -17.17
C GLU A 141 12.20 -11.08 -16.23
C GLU A 141 12.32 -11.16 -16.37
C GLU A 141 12.33 -11.15 -16.36
N VAL A 142 12.63 -11.92 -15.31
CA VAL A 142 13.68 -11.55 -14.37
C VAL A 142 14.96 -12.24 -14.79
N ILE A 143 16.02 -11.46 -14.97
CA ILE A 143 17.33 -11.96 -15.37
C ILE A 143 18.30 -11.61 -14.24
N LEU A 144 19.00 -12.61 -13.72
CA LEU A 144 19.92 -12.48 -12.62
C LEU A 144 21.39 -12.41 -13.06
N THR A 145 22.13 -11.52 -12.43
CA THR A 145 23.55 -11.30 -12.76
C THR A 145 24.39 -11.59 -11.50
N PRO A 146 25.70 -11.78 -11.67
CA PRO A 146 26.54 -12.22 -10.53
C PRO A 146 26.56 -11.25 -9.33
N ALA A 147 26.49 -11.79 -8.13
CA ALA A 147 26.53 -10.97 -6.92
C ALA A 147 27.76 -10.06 -6.86
N ALA A 148 28.90 -10.60 -7.29
CA ALA A 148 30.17 -9.87 -7.25
C ALA A 148 30.20 -8.59 -8.07
N LEU A 149 29.48 -8.57 -9.19
CA LEU A 149 29.50 -7.42 -10.11
C LEU A 149 28.50 -6.32 -9.75
N GLY A 150 27.56 -6.64 -8.85
CA GLY A 150 26.64 -5.66 -8.32
C GLY A 150 25.70 -5.12 -9.36
N MET A 151 25.17 -3.94 -9.09
CA MET A 151 24.33 -3.28 -10.10
C MET A 151 25.02 -3.02 -11.43
N LYS A 152 26.34 -2.78 -11.45
CA LYS A 152 27.02 -2.54 -12.72
C LYS A 152 26.85 -3.72 -13.70
N GLY A 153 26.90 -4.93 -13.17
CA GLY A 153 26.69 -6.13 -13.98
C GLY A 153 25.27 -6.22 -14.51
N ALA A 154 24.27 -5.83 -13.69
CA ALA A 154 22.89 -5.75 -14.18
C ALA A 154 22.78 -4.72 -15.30
N VAL A 155 23.49 -3.58 -15.19
CA VAL A 155 23.47 -2.58 -16.25
C VAL A 155 24.07 -3.12 -17.56
N THR A 156 25.23 -3.77 -17.43
CA THR A 156 25.87 -4.38 -18.58
C THR A 156 24.97 -5.35 -19.30
N MET A 157 24.32 -6.22 -18.53
CA MET A 157 23.40 -7.22 -19.10
C MET A 157 22.20 -6.55 -19.80
N ALA A 158 21.66 -5.49 -19.20
CA ALA A 158 20.52 -4.82 -19.84
C ALA A 158 20.91 -4.34 -21.23
N LYS A 159 22.09 -3.76 -21.33
N LYS A 159 22.08 -3.73 -21.33
CA LYS A 159 22.59 -3.23 -22.58
CA LYS A 159 22.60 -3.24 -22.61
C LYS A 159 22.85 -4.33 -23.64
C LYS A 159 22.72 -4.39 -23.63
N LYS A 160 23.32 -5.49 -23.20
CA LYS A 160 23.45 -6.66 -24.07
C LYS A 160 22.11 -7.15 -24.61
N ILE A 161 21.09 -7.19 -23.75
CA ILE A 161 19.77 -7.65 -24.16
C ILE A 161 19.20 -6.72 -25.25
N VAL A 162 19.38 -5.41 -25.06
CA VAL A 162 18.87 -4.40 -25.98
C VAL A 162 19.61 -4.49 -27.32
N THR A 163 20.94 -4.66 -27.27
CA THR A 163 21.77 -4.85 -28.47
C THR A 163 21.23 -6.02 -29.29
N ALA A 164 20.83 -7.10 -28.64
CA ALA A 164 20.45 -8.33 -29.32
C ALA A 164 19.00 -8.36 -29.84
N ASN A 165 18.17 -7.40 -29.44
CA ASN A 165 16.79 -7.38 -29.92
C ASN A 165 16.45 -6.01 -30.45
N PRO A 166 16.19 -5.90 -31.76
CA PRO A 166 15.90 -4.58 -32.32
C PRO A 166 14.57 -3.96 -31.82
N ASN A 167 13.68 -4.78 -31.26
CA ASN A 167 12.47 -4.21 -30.64
C ASN A 167 12.67 -3.76 -29.18
N ALA A 168 13.85 -4.02 -28.61
CA ALA A 168 14.08 -3.76 -27.17
C ALA A 168 14.52 -2.31 -26.99
N VAL A 169 14.10 -1.70 -25.88
N VAL A 169 14.23 -1.78 -25.81
CA VAL A 169 14.54 -0.35 -25.56
CA VAL A 169 14.38 -0.37 -25.50
C VAL A 169 14.95 -0.27 -24.09
C VAL A 169 14.87 -0.23 -24.06
N LEU A 170 15.97 0.51 -23.84
CA LEU A 170 16.49 0.67 -22.51
C LEU A 170 15.69 1.77 -21.79
N ALA A 171 15.05 1.43 -20.67
CA ALA A 171 14.16 2.36 -19.97
C ALA A 171 14.86 3.55 -19.29
N ASP A 172 16.12 3.38 -18.91
CA ASP A 172 16.88 4.47 -18.27
C ASP A 172 16.93 5.78 -19.01
N GLN A 173 17.02 5.73 -20.34
CA GLN A 173 17.05 6.95 -21.14
C GLN A 173 15.80 7.77 -20.91
N PHE A 174 14.67 7.08 -20.75
CA PHE A 174 13.41 7.77 -20.52
C PHE A 174 13.36 8.32 -19.13
N ALA A 175 13.85 7.56 -18.17
CA ALA A 175 13.84 8.01 -16.78
C ALA A 175 14.59 9.32 -16.68
N THR A 176 15.74 9.40 -17.36
N THR A 176 15.72 9.44 -17.38
CA THR A 176 16.51 10.65 -17.45
CA THR A 176 16.51 10.68 -17.33
C THR A 176 15.68 11.80 -17.99
C THR A 176 15.82 11.85 -18.08
N LYS A 177 15.05 11.57 -19.14
CA LYS A 177 14.35 12.62 -19.85
C LYS A 177 13.12 13.15 -19.06
N TYR A 178 12.43 12.28 -18.32
CA TYR A 178 11.07 12.61 -17.83
C TYR A 178 10.93 12.73 -16.32
N ASN A 179 11.95 12.36 -15.54
CA ASN A 179 11.80 12.28 -14.08
C ASN A 179 11.51 13.65 -13.43
N ALA A 180 12.37 14.62 -13.68
CA ALA A 180 12.13 15.94 -13.12
C ALA A 180 10.85 16.56 -13.65
N LEU A 181 10.55 16.32 -14.92
CA LEU A 181 9.36 16.93 -15.53
C LEU A 181 8.07 16.46 -14.88
N ILE A 182 7.95 15.14 -14.64
CA ILE A 182 6.72 14.65 -14.04
C ILE A 182 6.50 15.27 -12.66
N HIS A 183 7.56 15.49 -11.88
CA HIS A 183 7.38 16.11 -10.56
C HIS A 183 7.09 17.61 -10.62
N GLU A 184 7.58 18.27 -11.65
CA GLU A 184 7.22 19.66 -11.90
C GLU A 184 5.74 19.82 -12.28
N GLU A 185 5.19 18.84 -12.98
CA GLU A 185 3.82 18.88 -13.47
C GLU A 185 2.76 18.43 -12.47
N THR A 186 3.12 17.51 -11.59
CA THR A 186 2.16 16.85 -10.72
C THR A 186 2.52 17.01 -9.24
N THR A 187 3.58 16.37 -8.77
CA THR A 187 3.88 16.39 -7.32
C THR A 187 3.97 17.81 -6.72
N GLY A 188 4.73 18.65 -7.38
CA GLY A 188 4.95 20.01 -6.89
C GLY A 188 3.67 20.82 -6.84
N PRO A 189 2.95 20.94 -7.97
CA PRO A 189 1.65 21.65 -7.88
C PRO A 189 0.66 21.07 -6.83
N GLU A 190 0.66 19.73 -6.62
CA GLU A 190 -0.15 19.15 -5.56
C GLU A 190 0.25 19.71 -4.18
N ILE A 191 1.56 19.73 -3.90
CA ILE A 191 2.08 20.23 -2.62
C ILE A 191 1.64 21.69 -2.44
N TRP A 192 1.77 22.47 -3.52
CA TRP A 192 1.38 23.90 -3.49
C TRP A 192 -0.09 24.07 -3.09
N GLU A 193 -0.98 23.29 -3.69
N GLU A 193 -0.99 23.32 -3.73
CA GLU A 193 -2.42 23.44 -3.39
CA GLU A 193 -2.42 23.41 -3.39
C GLU A 193 -2.77 22.88 -2.00
C GLU A 193 -2.65 22.94 -1.97
N GLN A 194 -2.16 21.74 -1.67
CA GLN A 194 -2.41 21.12 -0.37
C GLN A 194 -1.96 21.98 0.82
N THR A 195 -0.84 22.67 0.69
CA THR A 195 -0.37 23.54 1.78
C THR A 195 -1.02 24.93 1.77
N ASN A 196 -1.97 25.16 0.88
CA ASN A 196 -2.62 26.48 0.77
C ASN A 196 -1.59 27.56 0.41
N HIS A 197 -0.71 27.25 -0.55
CA HIS A 197 0.24 28.18 -1.11
C HIS A 197 1.18 28.67 -0.06
N ASN A 198 1.60 27.75 0.79
CA ASN A 198 2.34 28.12 1.98
C ASN A 198 3.48 27.12 2.28
N VAL A 199 4.63 27.30 1.59
CA VAL A 199 5.81 26.44 1.77
C VAL A 199 7.08 27.24 2.03
N ASP A 200 7.64 27.10 3.23
CA ASP A 200 8.87 27.81 3.61
C ASP A 200 10.16 27.02 3.40
N CYS A 201 10.03 25.70 3.34
CA CYS A 201 11.15 24.82 3.20
C CYS A 201 10.67 23.50 2.57
N PHE A 202 11.41 22.99 1.60
CA PHE A 202 11.12 21.69 0.95
C PHE A 202 12.34 20.84 0.99
N ILE A 203 12.16 19.63 1.50
CA ILE A 203 13.27 18.69 1.82
C ILE A 203 13.05 17.35 1.12
N ALA A 204 14.06 16.88 0.40
CA ALA A 204 13.98 15.57 -0.26
C ALA A 204 15.38 15.05 -0.53
N GLY A 205 15.45 13.75 -0.79
CA GLY A 205 16.70 13.05 -0.98
C GLY A 205 17.33 13.40 -2.30
N VAL A 206 18.66 13.47 -2.34
N VAL A 206 18.66 13.26 -2.35
CA VAL A 206 19.33 13.70 -3.62
CA VAL A 206 19.45 13.41 -3.57
C VAL A 206 19.06 12.50 -4.53
C VAL A 206 19.34 12.20 -4.50
N GLY A 207 19.35 11.30 -4.03
N GLY A 207 18.44 11.28 -4.18
CA GLY A 207 19.32 10.06 -4.81
CA GLY A 207 18.10 10.18 -5.07
C GLY A 207 19.35 10.22 -6.32
C GLY A 207 18.40 10.47 -6.52
N THR A 208 18.35 9.64 -6.98
N THR A 208 17.45 10.11 -7.39
CA THR A 208 18.06 9.87 -8.40
CA THR A 208 17.60 10.32 -8.83
C THR A 208 16.73 9.16 -8.65
C THR A 208 17.93 11.77 -9.13
N GLY A 209 15.79 9.87 -9.28
N GLY A 209 17.49 12.65 -8.25
CA GLY A 209 14.38 9.51 -9.18
CA GLY A 209 17.49 14.06 -8.55
C GLY A 209 13.68 10.31 -8.09
C GLY A 209 16.05 14.48 -8.78
N GLY A 210 14.46 11.05 -7.33
N GLY A 210 15.27 13.55 -9.32
CA GLY A 210 13.88 11.91 -6.34
CA GLY A 210 13.96 13.85 -9.93
C GLY A 210 12.98 12.97 -6.94
C GLY A 210 12.93 14.58 -9.09
N THR A 211 12.05 13.40 -6.13
N THR A 211 12.60 14.01 -7.93
CA THR A 211 11.18 14.54 -6.41
CA THR A 211 11.64 14.65 -7.06
C THR A 211 11.89 15.94 -6.44
C THR A 211 12.11 16.04 -6.67
N LEU A 212 13.15 16.01 -6.02
N LEU A 212 13.32 16.11 -6.13
CA LEU A 212 13.79 17.28 -5.60
CA LEU A 212 13.81 17.37 -5.58
C LEU A 212 13.81 18.39 -6.66
C LEU A 212 13.87 18.44 -6.65
N THR A 213 14.40 18.10 -7.82
CA THR A 213 14.53 19.04 -8.91
C THR A 213 13.15 19.55 -9.39
N GLY A 214 12.26 18.62 -9.67
CA GLY A 214 10.98 18.98 -10.26
C GLY A 214 10.10 19.77 -9.31
N VAL A 215 10.06 19.37 -8.07
CA VAL A 215 9.28 20.09 -7.10
C VAL A 215 9.85 21.48 -6.89
N ALA A 216 11.17 21.56 -6.80
CA ALA A 216 11.80 22.85 -6.63
C ALA A 216 11.47 23.77 -7.80
N ARG A 217 11.46 23.23 -9.02
CA ARG A 217 11.11 24.06 -10.18
C ARG A 217 9.67 24.55 -10.10
N ALA A 218 8.74 23.67 -9.74
CA ALA A 218 7.34 24.06 -9.57
C ALA A 218 7.16 25.14 -8.51
N LEU A 219 7.81 24.96 -7.37
CA LEU A 219 7.68 25.93 -6.27
C LEU A 219 8.20 27.33 -6.68
N LYS A 220 9.34 27.40 -7.36
N LYS A 220 9.35 27.37 -7.34
CA LYS A 220 9.91 28.69 -7.80
CA LYS A 220 9.93 28.63 -7.86
C LYS A 220 9.10 29.34 -8.95
C LYS A 220 8.96 29.29 -8.83
N LYS A 221 8.54 28.51 -9.82
CA LYS A 221 7.59 28.98 -10.82
C LYS A 221 6.32 29.60 -10.21
N MET A 222 5.86 29.07 -9.08
N MET A 222 5.85 29.04 -9.08
CA MET A 222 4.63 29.54 -8.49
CA MET A 222 4.64 29.49 -8.40
C MET A 222 4.87 30.66 -7.46
C MET A 222 4.86 30.77 -7.58
N GLY A 223 6.10 31.17 -7.41
CA GLY A 223 6.45 32.36 -6.64
C GLY A 223 6.86 32.06 -5.20
N SER A 224 7.02 30.77 -4.88
CA SER A 224 7.38 30.38 -3.52
C SER A 224 8.81 30.78 -3.21
N HIS A 225 9.03 31.26 -1.98
CA HIS A 225 10.39 31.52 -1.50
C HIS A 225 10.90 30.38 -0.63
N ALA A 226 10.46 29.16 -0.91
CA ALA A 226 10.86 28.02 -0.10
C ALA A 226 12.35 27.75 -0.26
N ARG A 227 13.00 27.51 0.86
CA ARG A 227 14.35 26.98 0.91
C ARG A 227 14.34 25.53 0.46
N ILE A 228 15.26 25.17 -0.42
CA ILE A 228 15.31 23.81 -0.98
C ILE A 228 16.49 23.06 -0.34
N VAL A 229 16.19 21.92 0.27
CA VAL A 229 17.19 21.16 1.05
C VAL A 229 17.31 19.73 0.48
N ALA A 230 18.54 19.35 0.10
CA ALA A 230 18.87 18.03 -0.40
C ALA A 230 19.45 17.16 0.70
N VAL A 231 18.80 16.02 0.96
CA VAL A 231 19.19 15.10 2.01
C VAL A 231 20.17 14.06 1.46
N GLU A 232 21.30 13.90 2.13
N GLU A 232 21.27 13.87 2.16
CA GLU A 232 22.37 12.99 1.68
CA GLU A 232 22.35 13.00 1.71
C GLU A 232 22.80 12.07 2.83
C GLU A 232 22.73 12.04 2.85
N PRO A 233 23.08 10.79 2.50
CA PRO A 233 23.54 9.87 3.55
C PRO A 233 24.97 10.20 3.94
N MET A 234 25.32 9.85 5.18
CA MET A 234 26.71 9.74 5.61
C MET A 234 26.77 8.51 6.53
N ASP A 262 19.77 18.96 -10.72
CA ASP A 262 20.11 20.37 -10.94
C ASP A 262 20.56 21.01 -9.61
N ARG A 263 21.88 21.19 -9.46
CA ARG A 263 22.48 21.67 -8.21
C ARG A 263 22.15 23.13 -7.90
N SER A 264 21.81 23.91 -8.92
CA SER A 264 21.53 25.34 -8.78
C SER A 264 20.23 25.71 -8.03
N LEU A 265 19.30 24.75 -7.92
CA LEU A 265 18.06 24.94 -7.19
C LEU A 265 18.19 24.67 -5.68
N ILE A 266 19.32 24.10 -5.25
CA ILE A 266 19.50 23.63 -3.87
C ILE A 266 20.15 24.67 -3.00
N ASP A 267 19.50 25.02 -1.90
CA ASP A 267 20.02 26.00 -0.97
C ASP A 267 20.96 25.41 0.08
N GLU A 268 20.71 24.17 0.44
CA GLU A 268 21.46 23.51 1.50
C GLU A 268 21.50 22.01 1.27
N VAL A 269 22.67 21.39 1.47
CA VAL A 269 22.77 19.94 1.63
C VAL A 269 22.75 19.59 3.12
N PHE A 270 21.88 18.64 3.49
CA PHE A 270 21.79 18.18 4.88
C PHE A 270 22.13 16.70 5.00
N CYS A 271 23.21 16.37 5.73
CA CYS A 271 23.69 15.01 5.80
C CYS A 271 23.06 14.29 6.99
N VAL A 272 22.61 13.05 6.78
CA VAL A 272 21.95 12.29 7.88
C VAL A 272 22.65 10.96 7.99
N ALA A 273 23.13 10.64 9.19
CA ALA A 273 23.71 9.34 9.44
C ALA A 273 22.65 8.24 9.35
N GLY A 274 23.06 7.09 8.83
CA GLY A 274 22.18 5.95 8.65
C GLY A 274 21.47 5.51 9.92
N ASP A 275 22.17 5.52 11.05
CA ASP A 275 21.54 5.14 12.32
C ASP A 275 20.38 6.07 12.70
N ASP A 276 20.49 7.34 12.36
CA ASP A 276 19.40 8.29 12.62
C ASP A 276 18.21 8.07 11.68
N ALA A 277 18.49 7.78 10.42
CA ALA A 277 17.43 7.41 9.45
C ALA A 277 16.66 6.17 9.94
N ILE A 278 17.39 5.12 10.35
CA ILE A 278 16.78 3.86 10.80
C ILE A 278 15.96 4.08 12.07
N GLU A 279 16.52 4.79 13.05
CA GLU A 279 15.78 5.03 14.29
C GLU A 279 14.51 5.79 14.04
N THR A 280 14.60 6.77 13.15
CA THR A 280 13.48 7.65 12.84
C THR A 280 12.36 6.89 12.15
N ALA A 281 12.69 5.98 11.22
CA ALA A 281 11.66 5.12 10.60
C ALA A 281 10.84 4.36 11.65
N LEU A 282 11.50 3.77 12.64
CA LEU A 282 10.75 3.05 13.71
C LEU A 282 9.98 3.96 14.67
N LYS A 283 10.50 5.14 14.97
CA LYS A 283 9.78 6.09 15.80
C LYS A 283 8.52 6.57 15.12
N LEU A 284 8.60 6.80 13.81
CA LEU A 284 7.47 7.27 13.04
C LEU A 284 6.26 6.37 13.07
N THR A 285 6.46 5.06 13.02
CA THR A 285 5.33 4.15 13.04
C THR A 285 4.59 4.28 14.38
N ARG A 286 5.35 4.32 15.46
CA ARG A 286 4.77 4.30 16.80
C ARG A 286 4.24 5.65 17.23
N SER A 287 4.79 6.74 16.71
CA SER A 287 4.27 8.07 17.09
C SER A 287 3.09 8.54 16.25
N ASP A 288 3.19 8.40 14.93
CA ASP A 288 2.27 9.01 13.99
C ASP A 288 1.65 8.02 13.00
N GLY A 289 2.00 6.74 13.11
CA GLY A 289 1.42 5.71 12.22
C GLY A 289 1.87 5.80 10.78
N VAL A 290 3.02 6.43 10.55
CA VAL A 290 3.59 6.55 9.22
C VAL A 290 4.61 5.42 9.09
N PHE A 291 4.41 4.59 8.09
CA PHE A 291 5.22 3.38 7.90
C PHE A 291 5.95 3.48 6.59
N CYS A 292 7.25 3.68 6.65
CA CYS A 292 8.04 3.96 5.47
C CYS A 292 9.41 3.25 5.42
N GLY A 293 10.17 3.54 4.38
CA GLY A 293 11.54 3.01 4.23
C GLY A 293 12.61 3.96 4.73
N PHE A 294 13.85 3.65 4.36
CA PHE A 294 15.03 4.32 4.86
C PHE A 294 15.05 5.79 4.43
N SER A 295 14.69 6.04 3.18
CA SER A 295 14.69 7.40 2.63
C SER A 295 13.78 8.35 3.39
N GLY A 296 12.56 7.88 3.69
CA GLY A 296 11.63 8.64 4.48
C GLY A 296 12.10 8.92 5.87
N GLY A 297 12.71 7.92 6.52
CA GLY A 297 13.36 8.08 7.80
C GLY A 297 14.38 9.21 7.78
N ALA A 298 15.25 9.19 6.78
CA ALA A 298 16.28 10.22 6.69
C ALA A 298 15.64 11.62 6.47
N ASN A 299 14.61 11.69 5.65
CA ASN A 299 13.96 12.98 5.34
C ASN A 299 13.31 13.59 6.57
N VAL A 300 12.62 12.76 7.38
CA VAL A 300 11.98 13.21 8.57
C VAL A 300 12.96 13.62 9.65
N TYR A 301 14.08 12.89 9.76
CA TYR A 301 15.14 13.30 10.68
C TYR A 301 15.64 14.70 10.36
N ALA A 302 15.90 14.93 9.08
CA ALA A 302 16.37 16.23 8.63
C ALA A 302 15.32 17.33 8.86
N ALA A 303 14.05 17.03 8.55
CA ALA A 303 12.98 17.97 8.79
C ALA A 303 12.84 18.37 10.26
N LEU A 304 12.93 17.40 11.13
CA LEU A 304 12.83 17.67 12.56
C LEU A 304 14.00 18.52 13.07
N LYS A 305 15.20 18.32 12.53
CA LYS A 305 16.34 19.15 12.94
C LYS A 305 16.18 20.56 12.41
N ILE A 306 15.78 20.71 11.16
CA ILE A 306 15.55 22.04 10.57
C ILE A 306 14.41 22.77 11.28
N ALA A 307 13.41 21.99 11.73
CA ALA A 307 12.29 22.51 12.50
C ALA A 307 12.67 23.19 13.82
N GLU A 308 13.82 22.82 14.36
CA GLU A 308 14.31 23.40 15.63
C GLU A 308 14.97 24.76 15.45
N ARG A 309 15.20 25.20 14.22
CA ARG A 309 15.88 26.49 14.01
C ARG A 309 14.93 27.63 14.36
N PRO A 310 15.45 28.67 15.07
CA PRO A 310 14.59 29.79 15.50
C PRO A 310 13.77 30.41 14.39
N GLU A 311 14.40 30.61 13.24
CA GLU A 311 13.75 31.24 12.10
C GLU A 311 12.64 30.38 11.46
N MET A 312 12.53 29.09 11.84
CA MET A 312 11.44 28.24 11.36
C MET A 312 10.20 28.23 12.25
N GLU A 313 10.24 29.02 13.34
N GLU A 313 10.24 29.00 13.34
CA GLU A 313 9.06 29.11 14.23
CA GLU A 313 9.08 29.10 14.24
C GLU A 313 7.87 29.56 13.41
C GLU A 313 7.87 29.59 13.46
N GLY A 314 6.75 28.86 13.55
CA GLY A 314 5.55 29.18 12.78
C GLY A 314 5.54 28.78 11.31
N LYS A 315 6.68 28.35 10.78
CA LYS A 315 6.82 28.14 9.35
C LYS A 315 6.40 26.72 8.95
N THR A 316 6.23 26.51 7.65
CA THR A 316 5.78 25.20 7.12
C THR A 316 6.93 24.53 6.34
N ILE A 317 7.36 23.37 6.83
CA ILE A 317 8.39 22.53 6.19
C ILE A 317 7.69 21.34 5.54
N VAL A 318 7.93 21.12 4.27
CA VAL A 318 7.37 19.96 3.55
C VAL A 318 8.46 18.97 3.26
N THR A 319 8.21 17.68 3.52
CA THR A 319 9.12 16.65 3.04
C THR A 319 8.32 15.50 2.40
N ILE A 320 9.05 14.53 1.86
CA ILE A 320 8.46 13.42 1.10
C ILE A 320 8.64 12.14 1.88
N ILE A 321 7.57 11.34 1.93
CA ILE A 321 7.68 9.93 2.30
C ILE A 321 7.64 9.08 1.00
N PRO A 322 8.80 8.65 0.49
CA PRO A 322 8.80 8.03 -0.82
C PRO A 322 8.10 6.67 -0.96
N SER A 323 8.19 5.79 0.03
CA SER A 323 7.79 4.40 -0.11
C SER A 323 7.13 3.89 1.14
N PHE A 324 6.11 3.08 0.97
CA PHE A 324 5.47 2.39 2.10
C PHE A 324 6.48 1.35 2.70
N GLY A 325 6.36 1.16 4.02
CA GLY A 325 7.33 0.36 4.78
C GLY A 325 7.22 -1.13 4.60
N GLU A 326 6.09 -1.66 4.17
CA GLU A 326 5.87 -3.12 4.15
C GLU A 326 6.87 -3.88 3.26
N ARG A 327 7.25 -3.25 2.17
CA ARG A 327 8.23 -3.76 1.24
C ARG A 327 9.56 -4.09 1.95
N TYR A 328 9.80 -3.40 3.07
CA TYR A 328 11.11 -3.48 3.76
C TYR A 328 11.07 -4.24 5.05
N LEU A 329 9.93 -4.84 5.39
N LEU A 329 9.98 -4.96 5.32
CA LEU A 329 9.73 -5.41 6.73
CA LEU A 329 9.81 -5.72 6.57
C LEU A 329 10.80 -6.43 7.11
C LEU A 329 10.87 -6.79 6.80
N SER A 330 11.29 -7.13 6.08
N SER A 330 11.36 -7.42 5.75
CA SER A 330 12.27 -8.26 6.19
CA SER A 330 12.37 -8.45 5.93
C SER A 330 13.75 -7.92 5.95
C SER A 330 13.76 -7.98 5.52
N THR A 331 13.99 -6.66 5.61
CA THR A 331 15.33 -6.10 5.32
C THR A 331 16.00 -5.59 6.60
N ALA A 332 17.23 -5.12 6.46
CA ALA A 332 17.97 -4.57 7.60
C ALA A 332 17.27 -3.43 8.36
N LEU A 333 16.40 -2.67 7.69
CA LEU A 333 15.75 -1.50 8.26
C LEU A 333 14.91 -1.84 9.51
N TYR A 334 14.29 -3.01 9.51
CA TYR A 334 13.38 -3.43 10.56
C TYR A 334 13.86 -4.74 11.19
N ARG A 335 15.14 -5.08 10.99
CA ARG A 335 15.67 -6.29 11.60
C ARG A 335 15.61 -6.25 13.12
N SER A 336 15.75 -5.09 13.72
CA SER A 336 15.63 -4.98 15.19
C SER A 336 14.28 -5.53 15.70
N VAL A 337 13.21 -5.24 14.97
CA VAL A 337 11.86 -5.68 15.38
C VAL A 337 11.75 -7.20 15.15
N ARG A 338 12.22 -7.65 13.99
CA ARG A 338 12.16 -9.07 13.60
C ARG A 338 12.88 -9.96 14.61
N ASP A 339 14.10 -9.55 14.99
CA ASP A 339 14.90 -10.35 15.92
C ASP A 339 14.19 -10.44 17.27
N GLU A 340 13.54 -9.35 17.66
CA GLU A 340 12.78 -9.34 18.88
C GLU A 340 11.59 -10.33 18.86
N VAL A 341 10.70 -10.23 17.86
CA VAL A 341 9.53 -11.14 17.82
C VAL A 341 9.91 -12.62 17.55
N SER A 342 11.10 -12.88 17.04
N SER A 342 11.11 -12.85 17.03
CA SER A 342 11.53 -14.25 16.79
CA SER A 342 11.64 -14.20 16.78
C SER A 342 12.06 -14.94 18.05
C SER A 342 11.81 -15.02 18.06
N SER A 343 12.20 -14.21 19.15
N SER A 343 12.23 -14.33 19.11
CA SER A 343 12.65 -14.85 20.37
CA SER A 343 12.60 -14.97 20.37
C SER A 343 11.61 -14.87 21.49
C SER A 343 11.67 -14.62 21.52
N LEU A 344 10.38 -14.40 21.22
CA LEU A 344 9.36 -14.29 22.26
C LEU A 344 9.09 -15.64 22.93
N PRO A 345 8.79 -15.64 24.23
CA PRO A 345 8.36 -16.84 24.93
C PRO A 345 6.97 -17.26 24.54
N VAL A 346 6.60 -18.49 24.83
CA VAL A 346 5.24 -18.97 24.58
C VAL A 346 4.53 -19.29 25.89
N VAL A 347 3.30 -18.83 26.06
CA VAL A 347 2.55 -19.13 27.28
C VAL A 347 2.38 -20.65 27.43
N ASP A 348 2.58 -21.14 28.65
CA ASP A 348 2.52 -22.56 28.88
C ASP A 348 1.09 -23.07 28.76
N ALA A 349 0.92 -24.20 28.10
CA ALA A 349 -0.41 -24.73 27.84
C ALA A 349 -1.18 -24.94 29.15
N SER A 350 -0.47 -25.25 30.23
CA SER A 350 -1.14 -25.52 31.51
C SER A 350 -1.93 -24.33 32.03
N GLU A 351 -1.46 -23.11 31.74
CA GLU A 351 -2.18 -21.86 32.09
C GLU A 351 -3.48 -21.64 31.31
N LEU A 352 -3.67 -22.32 30.18
CA LEU A 352 -4.79 -22.02 29.27
C LEU A 352 -5.63 -23.24 28.89
N GLN A 353 -5.07 -24.45 29.05
CA GLN A 353 -5.84 -25.67 28.70
C GLN A 353 -7.15 -25.61 29.48
N ASP A 354 -8.21 -25.31 28.73
CA ASP A 354 -9.45 -24.65 29.20
C ASP A 354 -9.26 -23.43 30.16
N PRO B 25 -16.28 15.12 5.67
CA PRO B 25 -15.80 14.71 4.35
C PRO B 25 -14.43 15.33 4.00
N PHE B 26 -13.34 14.64 4.31
CA PHE B 26 -12.00 15.27 4.17
C PHE B 26 -11.51 15.28 2.73
N ASP B 27 -11.23 16.50 2.24
N ASP B 27 -11.31 16.47 2.13
CA ASP B 27 -10.76 16.77 0.89
CA ASP B 27 -10.75 16.55 0.76
C ASP B 27 -9.21 16.73 0.82
C ASP B 27 -9.23 16.41 0.80
N LYS B 28 -8.68 15.63 0.28
N LYS B 28 -8.77 15.18 1.03
CA LYS B 28 -7.23 15.39 0.28
CA LYS B 28 -7.34 14.90 1.20
C LYS B 28 -6.47 16.30 -0.67
C LYS B 28 -6.52 15.21 -0.03
N SER B 29 -7.17 16.92 -1.61
N SER B 29 -7.21 15.43 -1.15
CA SER B 29 -6.51 17.71 -2.63
CA SER B 29 -6.53 15.77 -2.40
C SER B 29 -6.18 19.13 -2.16
C SER B 29 -6.04 17.22 -2.40
N ARG B 30 -6.84 19.60 -1.10
N ARG B 30 -6.68 18.07 -1.59
CA ARG B 30 -6.82 21.01 -0.73
CA ARG B 30 -6.36 19.50 -1.57
C ARG B 30 -6.46 21.21 0.72
C ARG B 30 -6.01 20.13 -0.20
N ASN B 31 -6.08 20.11 1.36
N ASN B 31 -5.81 19.34 0.85
CA ASN B 31 -5.85 20.11 2.78
CA ASN B 31 -5.57 19.90 2.22
C ASN B 31 -4.71 19.16 3.09
C ASN B 31 -4.66 18.99 3.07
N VAL B 32 -4.11 19.44 4.22
CA VAL B 32 -3.15 18.59 4.93
C VAL B 32 -3.92 17.97 6.08
N ALA B 33 -3.89 16.64 6.18
CA ALA B 33 -4.50 15.93 7.29
C ALA B 33 -3.87 16.21 8.65
N GLN B 34 -4.72 16.32 9.67
CA GLN B 34 -4.25 16.43 11.05
C GLN B 34 -3.78 15.07 11.58
N SER B 35 -4.34 13.99 11.02
CA SER B 35 -4.12 12.64 11.54
C SER B 35 -4.26 11.66 10.38
N ILE B 36 -3.50 10.58 10.44
CA ILE B 36 -3.58 9.56 9.38
C ILE B 36 -4.98 8.93 9.36
N ASP B 37 -5.69 8.97 10.50
N ASP B 37 -5.73 8.96 10.46
CA ASP B 37 -7.14 8.63 10.58
CA ASP B 37 -7.08 8.38 10.40
C ASP B 37 -7.98 9.17 9.44
C ASP B 37 -8.05 9.19 9.48
N GLN B 38 -7.72 10.44 9.10
CA GLN B 38 -8.48 11.15 8.09
C GLN B 38 -8.25 10.65 6.67
N LEU B 39 -7.21 9.84 6.51
CA LEU B 39 -6.91 9.24 5.19
C LEU B 39 -7.56 7.87 5.00
N ILE B 40 -8.27 7.39 6.02
CA ILE B 40 -9.00 6.11 5.97
C ILE B 40 -10.27 6.28 5.15
N GLY B 41 -10.60 5.29 4.34
CA GLY B 41 -11.80 5.38 3.48
C GLY B 41 -11.64 6.34 2.33
N GLN B 42 -12.77 6.76 1.77
CA GLN B 42 -12.80 7.50 0.51
C GLN B 42 -11.88 6.89 -0.52
N THR B 43 -12.01 5.59 -0.70
CA THR B 43 -11.10 4.86 -1.55
C THR B 43 -11.58 4.94 -2.99
N PRO B 44 -10.66 4.72 -3.93
CA PRO B 44 -11.02 4.78 -5.34
C PRO B 44 -11.90 3.62 -5.74
N ALA B 45 -12.51 3.78 -6.89
CA ALA B 45 -13.26 2.74 -7.57
C ALA B 45 -12.73 2.66 -8.98
N LEU B 46 -12.59 1.44 -9.48
CA LEU B 46 -11.94 1.16 -10.73
C LEU B 46 -12.69 0.15 -11.56
N TYR B 47 -12.95 0.47 -12.82
CA TYR B 47 -13.50 -0.51 -13.75
C TYR B 47 -12.48 -1.59 -14.11
N LEU B 48 -12.94 -2.84 -14.09
CA LEU B 48 -12.16 -3.94 -14.59
C LEU B 48 -12.09 -3.75 -16.12
N ASN B 49 -10.89 -3.85 -16.67
CA ASN B 49 -10.63 -3.46 -18.05
C ASN B 49 -10.26 -4.71 -18.88
N LYS B 50 -8.98 -5.01 -19.03
N LYS B 50 -8.98 -5.03 -19.04
CA LYS B 50 -8.55 -6.17 -19.83
CA LYS B 50 -8.62 -6.17 -19.88
C LYS B 50 -9.22 -7.48 -19.42
C LYS B 50 -9.22 -7.51 -19.43
N LEU B 51 -9.33 -7.74 -18.12
CA LEU B 51 -9.85 -9.01 -17.65
C LEU B 51 -11.38 -9.20 -17.87
N ASN B 52 -12.07 -8.11 -18.18
CA ASN B 52 -13.53 -8.12 -18.38
C ASN B 52 -13.83 -8.20 -19.86
N ASN B 53 -14.13 -9.41 -20.34
CA ASN B 53 -14.57 -9.56 -21.72
C ASN B 53 -16.10 -9.77 -21.85
N THR B 54 -16.85 -9.34 -20.85
CA THR B 54 -18.31 -9.55 -20.79
C THR B 54 -19.00 -8.31 -21.33
N LYS B 55 -20.33 -8.35 -21.32
CA LYS B 55 -21.12 -7.16 -21.72
C LYS B 55 -21.60 -6.34 -20.50
N ALA B 56 -21.11 -6.65 -19.30
CA ALA B 56 -21.45 -5.90 -18.07
C ALA B 56 -20.25 -5.06 -17.66
N LYS B 57 -20.50 -4.07 -16.81
CA LYS B 57 -19.44 -3.27 -16.20
C LYS B 57 -19.17 -3.84 -14.84
N VAL B 58 -17.89 -4.00 -14.49
CA VAL B 58 -17.51 -4.51 -13.19
C VAL B 58 -16.63 -3.45 -12.48
N VAL B 59 -17.12 -2.92 -11.38
CA VAL B 59 -16.46 -1.89 -10.60
C VAL B 59 -15.79 -2.51 -9.38
N LEU B 60 -14.49 -2.24 -9.20
CA LEU B 60 -13.71 -2.69 -8.03
C LEU B 60 -13.59 -1.54 -7.04
N LYS B 61 -14.12 -1.73 -5.84
CA LYS B 61 -13.95 -0.80 -4.76
C LYS B 61 -12.60 -1.09 -4.11
N MET B 62 -11.65 -0.18 -4.22
CA MET B 62 -10.24 -0.47 -3.94
C MET B 62 -9.83 -0.23 -2.48
N GLU B 63 -10.26 -1.14 -1.61
CA GLU B 63 -10.02 -1.03 -0.18
C GLU B 63 -8.58 -1.33 0.16
N CYS B 64 -7.88 -1.91 -0.80
CA CYS B 64 -6.44 -2.10 -0.71
C CYS B 64 -5.69 -0.79 -0.59
N GLU B 65 -6.31 0.34 -0.99
CA GLU B 65 -5.65 1.67 -1.01
C GLU B 65 -5.77 2.45 0.33
N ASN B 66 -6.38 1.83 1.32
CA ASN B 66 -6.38 2.37 2.66
C ASN B 66 -4.92 2.54 3.16
N PRO B 67 -4.73 3.39 4.16
CA PRO B 67 -3.36 3.67 4.69
C PRO B 67 -2.60 2.46 5.20
N MET B 68 -3.28 1.47 5.80
CA MET B 68 -2.58 0.28 6.24
C MET B 68 -2.97 -0.91 5.35
N ALA B 69 -3.45 -0.60 4.15
CA ALA B 69 -3.51 -1.57 3.05
C ALA B 69 -4.62 -2.59 3.14
N SER B 70 -5.65 -2.28 3.93
CA SER B 70 -6.87 -3.13 3.87
C SER B 70 -8.12 -2.40 4.35
N VAL B 71 -9.26 -2.97 3.97
CA VAL B 71 -10.58 -2.50 4.41
C VAL B 71 -10.71 -2.40 5.93
N LYS B 72 -9.96 -3.21 6.67
CA LYS B 72 -10.14 -3.25 8.10
C LYS B 72 -9.71 -1.95 8.79
N ASP B 73 -8.98 -1.08 8.07
CA ASP B 73 -8.65 0.26 8.60
C ASP B 73 -9.94 0.99 9.00
N ARG B 74 -11.00 0.80 8.20
CA ARG B 74 -12.30 1.43 8.54
C ARG B 74 -12.86 0.91 9.88
N LEU B 75 -12.67 -0.37 10.12
CA LEU B 75 -13.11 -0.97 11.38
C LEU B 75 -12.27 -0.56 12.58
N GLY B 76 -10.93 -0.53 12.43
CA GLY B 76 -10.08 -0.02 13.48
C GLY B 76 -10.47 1.39 13.90
N PHE B 77 -10.71 2.26 12.92
CA PHE B 77 -11.13 3.63 13.23
C PHE B 77 -12.47 3.65 13.99
N ALA B 78 -13.45 2.90 13.49
CA ALA B 78 -14.77 2.79 14.08
C ALA B 78 -14.70 2.36 15.54
N ILE B 79 -13.87 1.35 15.81
CA ILE B 79 -13.69 0.86 17.15
C ILE B 79 -13.22 1.97 18.06
N TYR B 80 -12.11 2.65 17.72
CA TYR B 80 -11.59 3.73 18.62
C TYR B 80 -12.59 4.91 18.71
N ASP B 81 -13.12 5.32 17.56
CA ASP B 81 -13.97 6.51 17.47
C ASP B 81 -15.26 6.29 18.26
N LYS B 82 -15.93 5.17 18.00
CA LYS B 82 -17.24 4.94 18.58
C LYS B 82 -17.16 4.48 20.03
N ALA B 83 -16.19 3.65 20.37
CA ALA B 83 -16.04 3.22 21.76
C ALA B 83 -15.61 4.35 22.70
N GLU B 84 -14.74 5.24 22.25
CA GLU B 84 -14.40 6.45 23.00
C GLU B 84 -15.63 7.34 23.23
N LYS B 85 -16.49 7.48 22.23
CA LYS B 85 -17.70 8.30 22.40
C LYS B 85 -18.64 7.68 23.43
N GLU B 86 -18.73 6.36 23.43
CA GLU B 86 -19.45 5.61 24.45
C GLU B 86 -18.79 5.58 25.83
N GLY B 87 -17.59 6.11 25.97
CA GLY B 87 -16.87 6.06 27.23
C GLY B 87 -16.30 4.69 27.60
N LYS B 88 -16.32 3.75 26.65
CA LYS B 88 -15.81 2.38 26.87
C LYS B 88 -14.35 2.16 26.54
N LEU B 89 -13.74 3.06 25.77
CA LEU B 89 -12.27 3.21 25.70
C LEU B 89 -11.85 4.60 26.14
N ILE B 90 -10.79 4.66 26.92
CA ILE B 90 -10.26 5.88 27.53
C ILE B 90 -8.80 6.02 27.17
N PRO B 91 -8.45 6.98 26.29
CA PRO B 91 -7.07 7.10 25.76
C PRO B 91 -6.03 7.16 26.85
N GLY B 92 -5.04 6.27 26.80
CA GLY B 92 -3.98 6.21 27.81
C GLY B 92 -4.40 5.67 29.17
N LYS B 93 -5.64 5.21 29.30
CA LYS B 93 -6.00 4.39 30.45
C LYS B 93 -6.29 2.99 29.95
N SER B 94 -7.14 2.85 28.92
CA SER B 94 -7.51 1.52 28.47
C SER B 94 -6.33 0.79 27.79
N VAL B 95 -6.23 -0.50 28.07
CA VAL B 95 -5.33 -1.42 27.35
C VAL B 95 -6.24 -2.23 26.42
N VAL B 96 -5.95 -2.14 25.14
CA VAL B 96 -6.76 -2.82 24.13
C VAL B 96 -6.24 -4.22 23.90
N VAL B 97 -7.08 -5.23 24.07
CA VAL B 97 -6.66 -6.61 23.95
C VAL B 97 -7.41 -7.30 22.81
N GLU B 98 -6.66 -7.79 21.84
CA GLU B 98 -7.23 -8.28 20.57
C GLU B 98 -6.65 -9.66 20.32
N SER B 99 -7.53 -10.63 20.16
CA SER B 99 -7.13 -12.02 19.99
C SER B 99 -7.11 -12.44 18.50
N SER B 100 -6.41 -11.65 17.69
CA SER B 100 -6.39 -11.85 16.26
C SER B 100 -5.15 -11.16 15.70
N SER B 101 -4.51 -11.77 14.69
CA SER B 101 -3.27 -11.24 14.13
C SER B 101 -3.38 -10.89 12.65
N GLY B 102 -4.61 -10.83 12.13
CA GLY B 102 -4.86 -10.50 10.73
C GLY B 102 -5.09 -8.98 10.62
N ASN B 103 -5.74 -8.53 9.57
CA ASN B 103 -5.79 -7.09 9.29
C ASN B 103 -6.53 -6.27 10.34
N THR B 104 -7.48 -6.87 11.05
CA THR B 104 -8.20 -6.12 12.10
C THR B 104 -7.23 -5.82 13.24
N GLY B 105 -6.42 -6.81 13.59
CA GLY B 105 -5.37 -6.67 14.62
C GLY B 105 -4.31 -5.68 14.19
N VAL B 106 -3.95 -5.71 12.90
CA VAL B 106 -3.00 -4.74 12.37
C VAL B 106 -3.55 -3.31 12.55
N SER B 107 -4.82 -3.10 12.20
CA SER B 107 -5.39 -1.75 12.26
C SER B 107 -5.53 -1.29 13.72
N LEU B 108 -5.91 -2.19 14.62
CA LEU B 108 -5.98 -1.80 16.01
C LEU B 108 -4.63 -1.41 16.60
N ALA B 109 -3.59 -2.11 16.21
CA ALA B 109 -2.23 -1.77 16.67
C ALA B 109 -1.75 -0.43 16.10
N HIS B 110 -2.01 -0.26 14.81
CA HIS B 110 -1.63 0.94 14.05
C HIS B 110 -2.29 2.17 14.66
N LEU B 111 -3.61 2.13 14.78
CA LEU B 111 -4.32 3.31 15.24
C LEU B 111 -4.27 3.49 16.76
N GLY B 112 -4.11 2.39 17.50
CA GLY B 112 -3.92 2.46 18.95
C GLY B 112 -2.68 3.25 19.30
N ALA B 113 -1.61 2.99 18.55
CA ALA B 113 -0.31 3.63 18.79
C ALA B 113 -0.42 5.14 18.68
N ILE B 114 -1.03 5.63 17.61
N ILE B 114 -0.99 5.61 17.57
CA ILE B 114 -1.13 7.08 17.41
CA ILE B 114 -1.20 7.03 17.36
C ILE B 114 -2.14 7.76 18.34
C ILE B 114 -1.96 7.67 18.53
N ARG B 115 -3.01 6.99 18.98
CA ARG B 115 -3.90 7.51 20.01
C ARG B 115 -3.37 7.36 21.43
N GLY B 116 -2.26 6.66 21.59
CA GLY B 116 -1.61 6.54 22.90
C GLY B 116 -1.96 5.32 23.71
N TYR B 117 -2.71 4.39 23.14
CA TYR B 117 -3.09 3.17 23.84
C TYR B 117 -2.00 2.12 23.77
N LYS B 118 -1.85 1.36 24.85
CA LYS B 118 -1.19 0.08 24.75
C LYS B 118 -2.14 -0.89 24.08
N VAL B 119 -1.61 -1.71 23.17
CA VAL B 119 -2.37 -2.72 22.47
C VAL B 119 -1.67 -4.04 22.69
N ILE B 120 -2.40 -5.06 23.14
CA ILE B 120 -1.91 -6.41 23.24
C ILE B 120 -2.57 -7.30 22.19
N ILE B 121 -1.76 -8.06 21.48
CA ILE B 121 -2.28 -9.05 20.57
C ILE B 121 -1.91 -10.41 21.17
N THR B 122 -2.90 -11.27 21.34
CA THR B 122 -2.64 -12.68 21.61
C THR B 122 -2.82 -13.46 20.31
N MET B 123 -1.84 -14.33 20.04
CA MET B 123 -1.83 -15.14 18.83
C MET B 123 -1.09 -16.45 19.03
N PRO B 124 -1.57 -17.54 18.38
CA PRO B 124 -0.79 -18.77 18.41
C PRO B 124 0.62 -18.61 17.89
N GLU B 125 1.55 -19.31 18.52
CA GLU B 125 2.92 -19.27 18.08
C GLU B 125 3.10 -19.72 16.60
N SER B 126 2.14 -20.47 16.10
CA SER B 126 2.19 -21.07 14.77
C SER B 126 1.89 -20.02 13.68
N MET B 127 1.29 -18.87 14.04
CA MET B 127 1.06 -17.81 13.03
C MET B 127 2.41 -17.27 12.56
N SER B 128 2.44 -16.75 11.33
CA SER B 128 3.70 -16.41 10.72
C SER B 128 4.51 -15.34 11.47
N LEU B 129 5.83 -15.48 11.39
CA LEU B 129 6.76 -14.48 11.89
C LEU B 129 6.43 -13.10 11.29
N GLU B 130 5.99 -13.06 10.03
CA GLU B 130 5.74 -11.80 9.37
C GLU B 130 4.55 -11.08 10.00
N ARG B 131 3.55 -11.84 10.41
CA ARG B 131 2.41 -11.27 11.12
C ARG B 131 2.88 -10.68 12.47
N ARG B 132 3.69 -11.44 13.21
CA ARG B 132 4.27 -10.91 14.47
C ARG B 132 4.99 -9.60 14.28
N CYS B 133 5.82 -9.55 13.24
N CYS B 133 5.84 -9.57 13.25
CA CYS B 133 6.65 -8.41 13.04
CA CYS B 133 6.66 -8.41 12.94
C CYS B 133 5.84 -7.14 12.69
C CYS B 133 5.83 -7.16 12.70
N LEU B 134 4.80 -7.26 11.87
CA LEU B 134 4.02 -6.09 11.47
C LEU B 134 3.30 -5.47 12.67
N LEU B 135 2.85 -6.33 13.58
CA LEU B 135 2.14 -5.86 14.76
C LEU B 135 3.12 -5.16 15.69
N ARG B 136 4.30 -5.73 15.82
CA ARG B 136 5.32 -5.17 16.68
C ARG B 136 5.88 -3.86 16.16
N ILE B 137 5.94 -3.68 14.83
CA ILE B 137 6.31 -2.39 14.26
C ILE B 137 5.51 -1.22 14.85
N PHE B 138 4.22 -1.45 15.10
CA PHE B 138 3.37 -0.45 15.73
C PHE B 138 3.42 -0.40 17.25
N GLY B 139 4.34 -1.15 17.84
CA GLY B 139 4.53 -1.12 19.26
C GLY B 139 3.55 -1.93 20.08
N ALA B 140 2.76 -2.81 19.47
CA ALA B 140 1.92 -3.72 20.23
C ALA B 140 2.76 -4.69 21.04
N GLU B 141 2.21 -5.11 22.19
CA GLU B 141 2.74 -6.27 22.90
C GLU B 141 2.19 -7.50 22.23
N VAL B 142 3.08 -8.34 21.69
CA VAL B 142 2.67 -9.61 21.07
C VAL B 142 2.88 -10.75 22.08
N ILE B 143 1.81 -11.46 22.43
N ILE B 143 1.79 -11.43 22.42
CA ILE B 143 1.89 -12.55 23.40
CA ILE B 143 1.78 -12.53 23.40
C ILE B 143 1.52 -13.80 22.63
C ILE B 143 1.51 -13.81 22.62
N LEU B 144 2.42 -14.78 22.68
CA LEU B 144 2.26 -16.01 21.94
C LEU B 144 1.67 -17.11 22.84
N THR B 145 0.74 -17.87 22.24
CA THR B 145 0.08 -19.00 22.88
C THR B 145 0.41 -20.32 22.13
N PRO B 146 0.27 -21.48 22.82
CA PRO B 146 0.65 -22.78 22.28
C PRO B 146 -0.04 -23.15 20.96
N ALA B 147 0.72 -23.66 20.01
CA ALA B 147 0.16 -24.03 18.70
C ALA B 147 -0.98 -25.03 18.85
N ALA B 148 -0.81 -25.96 19.80
CA ALA B 148 -1.74 -27.06 19.97
C ALA B 148 -3.10 -26.60 20.49
N LEU B 149 -3.18 -25.41 21.06
CA LEU B 149 -4.47 -24.85 21.50
C LEU B 149 -5.12 -23.92 20.49
N GLY B 150 -4.43 -23.59 19.40
CA GLY B 150 -4.99 -22.82 18.29
C GLY B 150 -5.57 -21.48 18.69
N MET B 151 -6.58 -21.04 17.93
N MET B 151 -6.65 -21.05 18.03
CA MET B 151 -7.15 -19.71 18.09
CA MET B 151 -7.27 -19.78 18.39
C MET B 151 -7.81 -19.58 19.46
C MET B 151 -7.93 -19.83 19.77
N LYS B 152 -8.40 -20.69 19.94
N LYS B 152 -8.53 -20.97 20.16
CA LYS B 152 -9.03 -20.76 21.28
CA LYS B 152 -9.12 -20.99 21.49
C LYS B 152 -8.04 -20.42 22.40
C LYS B 152 -8.06 -20.51 22.49
N GLY B 153 -6.82 -20.93 22.31
CA GLY B 153 -5.74 -20.57 23.25
C GLY B 153 -5.52 -19.06 23.37
N ALA B 154 -5.58 -18.37 22.22
CA ALA B 154 -5.37 -16.92 22.19
C ALA B 154 -6.57 -16.19 22.79
N VAL B 155 -7.78 -16.72 22.58
CA VAL B 155 -8.99 -16.14 23.17
C VAL B 155 -8.96 -16.31 24.72
N THR B 156 -8.56 -17.49 25.18
CA THR B 156 -8.46 -17.74 26.64
C THR B 156 -7.48 -16.80 27.29
N MET B 157 -6.36 -16.57 26.61
CA MET B 157 -5.32 -15.71 27.14
C MET B 157 -5.77 -14.27 27.18
N ALA B 158 -6.46 -13.80 26.15
CA ALA B 158 -6.99 -12.45 26.15
C ALA B 158 -7.96 -12.28 27.31
N LYS B 159 -8.79 -13.29 27.55
CA LYS B 159 -9.77 -13.17 28.64
C LYS B 159 -9.05 -13.15 30.00
N LYS B 160 -8.00 -13.95 30.15
N LYS B 160 -8.01 -13.96 30.13
CA LYS B 160 -7.17 -13.95 31.34
CA LYS B 160 -7.13 -13.97 31.28
C LYS B 160 -6.60 -12.57 31.61
C LYS B 160 -6.60 -12.58 31.60
N ILE B 161 -6.16 -11.88 30.55
CA ILE B 161 -5.59 -10.55 30.70
C ILE B 161 -6.62 -9.56 31.21
N VAL B 162 -7.82 -9.56 30.63
CA VAL B 162 -8.87 -8.61 31.01
C VAL B 162 -9.40 -8.88 32.43
N THR B 163 -9.41 -10.14 32.82
CA THR B 163 -9.85 -10.50 34.18
C THR B 163 -8.86 -9.95 35.20
N ALA B 164 -7.57 -10.00 34.88
CA ALA B 164 -6.52 -9.53 35.79
C ALA B 164 -6.38 -8.01 35.86
N ASN B 165 -6.69 -7.29 34.77
CA ASN B 165 -6.51 -5.85 34.68
C ASN B 165 -7.81 -5.17 34.31
N PRO B 166 -8.45 -4.51 35.29
CA PRO B 166 -9.73 -3.88 34.99
C PRO B 166 -9.70 -2.73 33.95
N ASN B 167 -8.50 -2.23 33.65
CA ASN B 167 -8.30 -1.24 32.59
C ASN B 167 -8.25 -1.87 31.19
N ALA B 168 -8.06 -3.18 31.13
CA ALA B 168 -7.98 -3.85 29.82
C ALA B 168 -9.37 -4.12 29.27
N VAL B 169 -9.51 -4.02 27.95
CA VAL B 169 -10.78 -4.15 27.30
C VAL B 169 -10.60 -5.06 26.09
N LEU B 170 -11.47 -6.06 25.94
CA LEU B 170 -11.47 -6.93 24.73
C LEU B 170 -12.01 -6.19 23.52
N ALA B 171 -11.17 -6.03 22.50
CA ALA B 171 -11.55 -5.35 21.27
C ALA B 171 -12.59 -6.11 20.46
N ASP B 172 -12.60 -7.43 20.55
CA ASP B 172 -13.43 -8.16 19.61
C ASP B 172 -14.91 -7.86 19.80
N GLN B 173 -15.33 -7.49 21.03
CA GLN B 173 -16.70 -7.08 21.25
C GLN B 173 -17.09 -5.88 20.39
N PHE B 174 -16.15 -4.95 20.21
CA PHE B 174 -16.44 -3.73 19.48
C PHE B 174 -16.39 -4.01 17.99
N ALA B 175 -15.52 -4.92 17.58
CA ALA B 175 -15.47 -5.35 16.16
C ALA B 175 -16.83 -5.90 15.75
N THR B 176 -17.40 -6.73 16.61
CA THR B 176 -18.74 -7.28 16.41
C THR B 176 -19.82 -6.22 16.41
N LYS B 177 -19.73 -5.26 17.32
N LYS B 177 -19.73 -5.26 17.33
CA LYS B 177 -20.75 -4.23 17.47
CA LYS B 177 -20.71 -4.20 17.46
C LYS B 177 -20.79 -3.19 16.34
C LYS B 177 -20.80 -3.28 16.26
N TYR B 178 -19.63 -2.85 15.79
CA TYR B 178 -19.56 -1.70 14.86
C TYR B 178 -19.31 -2.04 13.40
N ASN B 179 -18.97 -3.30 13.11
CA ASN B 179 -18.50 -3.58 11.76
C ASN B 179 -19.50 -3.29 10.66
N ALA B 180 -20.71 -3.86 10.72
CA ALA B 180 -21.70 -3.57 9.70
C ALA B 180 -22.03 -2.09 9.66
N LEU B 181 -22.14 -1.47 10.83
CA LEU B 181 -22.44 -0.05 10.92
C LEU B 181 -21.47 0.87 10.15
N ILE B 182 -20.15 0.67 10.31
CA ILE B 182 -19.21 1.56 9.65
C ILE B 182 -19.34 1.45 8.12
N HIS B 183 -19.59 0.24 7.62
CA HIS B 183 -19.78 0.05 6.20
C HIS B 183 -21.11 0.61 5.67
N GLU B 184 -22.14 0.58 6.49
CA GLU B 184 -23.40 1.25 6.14
C GLU B 184 -23.20 2.77 6.11
N GLU B 185 -22.32 3.27 6.98
CA GLU B 185 -22.08 4.73 7.07
C GLU B 185 -21.12 5.31 6.03
N THR B 186 -20.15 4.51 5.58
CA THR B 186 -19.03 5.03 4.78
C THR B 186 -18.88 4.32 3.44
N THR B 187 -18.46 3.06 3.47
CA THR B 187 -18.20 2.27 2.25
C THR B 187 -19.41 2.22 1.29
N GLY B 188 -20.58 1.92 1.86
CA GLY B 188 -21.81 1.83 1.05
C GLY B 188 -22.13 3.14 0.35
N PRO B 189 -22.24 4.25 1.12
CA PRO B 189 -22.49 5.54 0.49
C PRO B 189 -21.44 6.01 -0.53
N GLU B 190 -20.16 5.68 -0.33
CA GLU B 190 -19.14 5.98 -1.32
C GLU B 190 -19.41 5.25 -2.65
N ILE B 191 -19.71 3.95 -2.58
CA ILE B 191 -20.06 3.18 -3.77
C ILE B 191 -21.26 3.82 -4.50
N TRP B 192 -22.26 4.24 -3.72
CA TRP B 192 -23.52 4.80 -4.27
C TRP B 192 -23.17 6.07 -5.03
N GLU B 193 -22.35 6.92 -4.43
N GLU B 193 -22.35 6.93 -4.42
CA GLU B 193 -21.90 8.15 -5.10
CA GLU B 193 -21.90 8.15 -5.11
C GLU B 193 -20.99 7.91 -6.30
C GLU B 193 -21.01 7.88 -6.32
N GLN B 194 -20.00 7.04 -6.16
CA GLN B 194 -19.05 6.76 -7.24
C GLN B 194 -19.68 6.18 -8.52
N THR B 195 -20.67 5.32 -8.35
CA THR B 195 -21.41 4.73 -9.49
C THR B 195 -22.56 5.63 -9.97
N ASN B 196 -22.65 6.84 -9.44
CA ASN B 196 -23.79 7.73 -9.73
C ASN B 196 -25.14 7.05 -9.58
N HIS B 197 -25.31 6.31 -8.48
CA HIS B 197 -26.60 5.77 -8.05
C HIS B 197 -27.06 4.65 -8.99
N ASN B 198 -26.10 3.85 -9.43
CA ASN B 198 -26.32 2.84 -10.43
C ASN B 198 -25.59 1.56 -10.08
N VAL B 199 -26.24 0.72 -9.29
CA VAL B 199 -25.68 -0.56 -8.84
C VAL B 199 -26.75 -1.62 -9.06
N ASP B 200 -26.45 -2.55 -9.96
CA ASP B 200 -27.36 -3.65 -10.26
C ASP B 200 -27.07 -4.89 -9.42
N CYS B 201 -25.84 -5.03 -8.93
CA CYS B 201 -25.41 -6.22 -8.21
C CYS B 201 -24.20 -5.82 -7.38
N PHE B 202 -24.19 -6.25 -6.13
CA PHE B 202 -23.03 -6.04 -5.26
C PHE B 202 -22.58 -7.40 -4.74
N ILE B 203 -21.28 -7.65 -4.80
CA ILE B 203 -20.69 -8.96 -4.53
C ILE B 203 -19.58 -8.78 -3.49
N ALA B 204 -19.60 -9.57 -2.41
CA ALA B 204 -18.50 -9.56 -1.43
C ALA B 204 -18.51 -10.85 -0.61
N GLY B 205 -17.39 -11.11 0.06
CA GLY B 205 -17.27 -12.34 0.88
C GLY B 205 -18.18 -12.46 2.08
N VAL B 206 -18.59 -13.71 2.35
N VAL B 206 -18.43 -13.70 2.51
CA VAL B 206 -19.68 -14.03 3.30
CA VAL B 206 -19.07 -13.90 3.80
C VAL B 206 -19.13 -14.02 4.72
C VAL B 206 -18.23 -13.18 4.86
N GLY B 207 -17.80 -13.88 4.83
N GLY B 207 -16.94 -13.51 4.92
CA GLY B 207 -17.09 -14.09 6.07
CA GLY B 207 -16.03 -12.86 5.86
C GLY B 207 -17.52 -13.27 7.28
C GLY B 207 -16.80 -11.98 6.83
N THR B 208 -18.12 -12.09 7.07
N THR B 208 -16.59 -12.22 8.13
CA THR B 208 -18.45 -11.16 8.18
CA THR B 208 -17.21 -11.44 9.21
C THR B 208 -17.18 -10.80 8.99
C THR B 208 -18.51 -10.70 8.85
N GLY B 209 -17.09 -9.53 9.36
N GLY B 209 -18.90 -10.78 7.58
CA GLY B 209 -15.84 -8.84 9.36
CA GLY B 209 -20.20 -10.27 7.14
C GLY B 209 -15.72 -8.06 8.05
C GLY B 209 -20.28 -8.75 7.02
N GLY B 210 -16.43 -8.50 7.01
N GLY B 210 -19.44 -8.06 7.78
CA GLY B 210 -16.47 -7.74 5.79
CA GLY B 210 -19.43 -6.60 7.79
C GLY B 210 -17.57 -6.68 5.60
C GLY B 210 -19.65 -5.89 6.48
N THR B 211 -17.61 -6.20 4.37
N THR B 211 -18.64 -5.95 5.63
CA THR B 211 -18.51 -5.11 4.02
CA THR B 211 -18.72 -5.26 4.36
C THR B 211 -19.95 -5.54 3.67
C THR B 211 -20.02 -5.58 3.66
N LEU B 212 -20.21 -6.85 3.51
N LEU B 212 -20.34 -6.86 3.48
CA LEU B 212 -21.45 -7.32 2.86
CA LEU B 212 -21.54 -7.23 2.76
C LEU B 212 -22.72 -6.73 3.49
C LEU B 212 -22.79 -6.74 3.48
N THR B 213 -22.84 -6.89 4.80
CA THR B 213 -24.05 -6.53 5.53
C THR B 213 -24.28 -5.04 5.44
N GLY B 214 -23.25 -4.24 5.69
CA GLY B 214 -23.41 -2.82 5.77
C GLY B 214 -23.61 -2.17 4.43
N VAL B 215 -22.89 -2.63 3.41
CA VAL B 215 -23.08 -2.08 2.09
C VAL B 215 -24.49 -2.40 1.59
N ALA B 216 -24.93 -3.65 1.81
CA ALA B 216 -26.27 -4.11 1.46
C ALA B 216 -27.30 -3.23 2.13
N ARG B 217 -27.10 -2.95 3.42
CA ARG B 217 -28.07 -2.09 4.13
C ARG B 217 -28.11 -0.68 3.58
N ALA B 218 -26.95 -0.13 3.23
CA ALA B 218 -26.87 1.19 2.68
C ALA B 218 -27.59 1.28 1.36
N LEU B 219 -27.33 0.28 0.48
CA LEU B 219 -28.01 0.24 -0.80
C LEU B 219 -29.53 0.14 -0.61
N LYS B 220 -29.99 -0.69 0.30
CA LYS B 220 -31.42 -0.88 0.52
C LYS B 220 -32.08 0.39 1.09
N LYS B 221 -31.34 1.14 1.92
N LYS B 221 -31.44 1.00 2.09
CA LYS B 221 -31.76 2.48 2.38
CA LYS B 221 -32.03 2.15 2.75
C LYS B 221 -31.83 3.53 1.26
C LYS B 221 -32.26 3.25 1.73
N MET B 222 -31.11 3.33 0.17
N MET B 222 -31.46 3.23 0.66
CA MET B 222 -31.14 4.29 -0.91
CA MET B 222 -31.67 4.14 -0.48
C MET B 222 -32.22 3.99 -1.93
C MET B 222 -32.57 3.54 -1.54
N GLY B 223 -32.96 2.91 -1.69
N GLY B 223 -33.31 2.49 -1.23
CA GLY B 223 -34.00 2.47 -2.64
CA GLY B 223 -34.22 1.86 -2.21
C GLY B 223 -33.62 1.26 -3.47
C GLY B 223 -33.60 1.31 -3.49
N SER B 224 -32.33 0.90 -3.45
CA SER B 224 -31.74 0.12 -4.57
C SER B 224 -32.21 -1.31 -4.49
N HIS B 225 -32.58 -1.84 -5.66
N HIS B 225 -32.66 -1.89 -5.59
CA HIS B 225 -33.04 -3.21 -5.82
CA HIS B 225 -32.98 -3.32 -5.56
C HIS B 225 -31.88 -4.16 -6.10
C HIS B 225 -31.88 -4.09 -6.28
N ALA B 226 -30.64 -3.65 -6.03
CA ALA B 226 -29.45 -4.43 -6.36
C ALA B 226 -29.49 -5.86 -5.81
N ARG B 227 -29.01 -6.77 -6.64
CA ARG B 227 -28.85 -8.16 -6.27
C ARG B 227 -27.64 -8.23 -5.34
N ILE B 228 -27.78 -8.85 -4.18
CA ILE B 228 -26.70 -9.01 -3.23
C ILE B 228 -26.21 -10.47 -3.23
N VAL B 229 -24.92 -10.66 -3.54
CA VAL B 229 -24.31 -11.99 -3.67
C VAL B 229 -23.15 -12.15 -2.66
N ALA B 230 -23.26 -13.16 -1.82
CA ALA B 230 -22.18 -13.50 -0.92
C ALA B 230 -21.28 -14.52 -1.56
N VAL B 231 -19.98 -14.26 -1.50
CA VAL B 231 -18.96 -15.20 -2.02
C VAL B 231 -18.45 -16.08 -0.89
N GLU B 232 -18.47 -17.40 -1.11
CA GLU B 232 -18.04 -18.38 -0.11
C GLU B 232 -16.90 -19.22 -0.70
N PRO B 233 -15.67 -19.00 -0.23
CA PRO B 233 -14.61 -19.82 -0.79
C PRO B 233 -14.72 -21.25 -0.27
N MET B 234 -14.27 -22.20 -1.08
N MET B 234 -14.29 -22.23 -1.07
CA MET B 234 -14.21 -23.62 -0.67
CA MET B 234 -14.24 -23.62 -0.63
C MET B 234 -12.75 -24.09 -0.74
C MET B 234 -12.80 -24.16 -0.79
N GLU B 235 -12.37 -24.98 0.17
CA GLU B 235 -11.01 -25.57 0.16
C GLU B 235 -10.68 -26.33 -1.14
N ASP B 262 -27.28 -12.42 7.66
CA ASP B 262 -28.67 -12.03 7.53
C ASP B 262 -29.23 -12.50 6.19
N ARG B 263 -29.99 -13.58 6.25
CA ARG B 263 -30.59 -14.19 5.07
C ARG B 263 -31.36 -13.24 4.20
N SER B 264 -32.06 -12.28 4.81
N SER B 264 -32.04 -12.27 4.82
CA SER B 264 -32.84 -11.31 4.06
CA SER B 264 -32.85 -11.28 4.09
C SER B 264 -31.95 -10.50 3.12
C SER B 264 -32.02 -10.33 3.22
N LEU B 265 -30.75 -10.15 3.57
CA LEU B 265 -29.89 -9.26 2.80
C LEU B 265 -29.23 -9.98 1.62
N ILE B 266 -29.20 -11.31 1.64
N ILE B 266 -29.17 -11.31 1.67
CA ILE B 266 -28.39 -12.07 0.69
CA ILE B 266 -28.40 -12.11 0.71
C ILE B 266 -29.24 -12.85 -0.32
C ILE B 266 -29.32 -12.79 -0.31
N ASP B 267 -29.18 -12.43 -1.58
CA ASP B 267 -29.98 -13.07 -2.66
C ASP B 267 -29.39 -14.39 -3.14
N GLU B 268 -28.08 -14.55 -3.02
CA GLU B 268 -27.43 -15.73 -3.55
C GLU B 268 -26.09 -15.92 -2.86
N VAL B 269 -25.74 -17.16 -2.53
CA VAL B 269 -24.37 -17.48 -2.09
C VAL B 269 -23.67 -18.12 -3.28
N PHE B 270 -22.55 -17.54 -3.72
CA PHE B 270 -21.77 -18.06 -4.82
C PHE B 270 -20.50 -18.71 -4.31
N CYS B 271 -20.34 -20.01 -4.60
CA CYS B 271 -19.14 -20.75 -4.13
C CYS B 271 -17.97 -20.63 -5.09
N VAL B 272 -16.78 -20.40 -4.53
CA VAL B 272 -15.55 -20.25 -5.34
C VAL B 272 -14.46 -21.18 -4.80
N ALA B 273 -13.95 -22.04 -5.66
CA ALA B 273 -12.85 -22.94 -5.32
C ALA B 273 -11.59 -22.15 -5.04
N GLY B 274 -10.83 -22.57 -4.03
CA GLY B 274 -9.53 -21.95 -3.70
C GLY B 274 -8.61 -21.72 -4.88
N ASP B 275 -8.43 -22.76 -5.68
N ASP B 275 -8.44 -22.75 -5.70
CA ASP B 275 -7.55 -22.67 -6.83
CA ASP B 275 -7.51 -22.63 -6.84
C ASP B 275 -7.94 -21.58 -7.83
C ASP B 275 -7.94 -21.59 -7.87
N ASP B 276 -9.25 -21.40 -8.02
CA ASP B 276 -9.77 -20.35 -8.90
C ASP B 276 -9.50 -18.94 -8.32
N ALA B 277 -9.67 -18.77 -7.01
CA ALA B 277 -9.35 -17.49 -6.34
C ALA B 277 -7.87 -17.15 -6.52
N ILE B 278 -7.02 -18.15 -6.32
CA ILE B 278 -5.56 -17.95 -6.42
C ILE B 278 -5.13 -17.63 -7.86
N GLU B 279 -5.66 -18.38 -8.83
CA GLU B 279 -5.38 -18.14 -10.24
C GLU B 279 -5.88 -16.77 -10.68
N THR B 280 -7.08 -16.42 -10.23
CA THR B 280 -7.62 -15.10 -10.54
C THR B 280 -6.77 -13.92 -9.98
N ALA B 281 -6.32 -14.01 -8.73
CA ALA B 281 -5.45 -12.99 -8.15
C ALA B 281 -4.23 -12.70 -9.06
N LEU B 282 -3.62 -13.76 -9.60
CA LEU B 282 -2.43 -13.59 -10.45
C LEU B 282 -2.76 -13.05 -11.84
N LYS B 283 -3.87 -13.49 -12.41
CA LYS B 283 -4.31 -12.93 -13.68
C LYS B 283 -4.67 -11.48 -13.56
N LEU B 284 -5.30 -11.12 -12.45
CA LEU B 284 -5.73 -9.72 -12.23
C LEU B 284 -4.53 -8.77 -12.23
N THR B 285 -3.46 -9.15 -11.58
N THR B 285 -3.45 -9.17 -11.55
CA THR B 285 -2.30 -8.29 -11.53
CA THR B 285 -2.23 -8.34 -11.53
C THR B 285 -1.68 -8.12 -12.94
C THR B 285 -1.69 -8.13 -12.92
N ARG B 286 -1.56 -9.21 -13.68
CA ARG B 286 -1.00 -9.16 -15.02
C ARG B 286 -1.87 -8.44 -16.03
N SER B 287 -3.19 -8.50 -15.86
CA SER B 287 -4.12 -7.90 -16.84
C SER B 287 -4.44 -6.45 -16.55
N ASP B 288 -4.72 -6.14 -15.27
CA ASP B 288 -5.23 -4.84 -14.84
C ASP B 288 -4.37 -4.13 -13.78
N GLY B 289 -3.34 -4.80 -13.27
CA GLY B 289 -2.42 -4.16 -12.31
C GLY B 289 -2.98 -4.07 -10.88
N VAL B 290 -4.04 -4.83 -10.59
CA VAL B 290 -4.66 -4.87 -9.27
C VAL B 290 -3.99 -6.02 -8.54
N PHE B 291 -3.38 -5.71 -7.40
CA PHE B 291 -2.54 -6.66 -6.66
C PHE B 291 -3.16 -6.86 -5.29
N CYS B 292 -3.80 -8.01 -5.08
CA CYS B 292 -4.63 -8.20 -3.90
C CYS B 292 -4.43 -9.57 -3.24
N GLY B 293 -5.22 -9.86 -2.22
CA GLY B 293 -5.14 -11.15 -1.55
C GLY B 293 -6.17 -12.15 -2.02
N PHE B 294 -6.31 -13.22 -1.26
CA PHE B 294 -7.16 -14.34 -1.63
C PHE B 294 -8.61 -13.91 -1.77
N SER B 295 -9.12 -13.09 -0.84
N SER B 295 -9.08 -13.09 -0.84
CA SER B 295 -10.52 -12.70 -0.86
CA SER B 295 -10.47 -12.64 -0.82
C SER B 295 -10.88 -11.85 -2.06
C SER B 295 -10.84 -11.88 -2.07
N GLY B 296 -9.97 -10.98 -2.51
CA GLY B 296 -10.16 -10.23 -3.74
C GLY B 296 -10.17 -11.08 -5.00
N GLY B 297 -9.26 -12.05 -5.09
CA GLY B 297 -9.31 -12.99 -6.18
C GLY B 297 -10.64 -13.74 -6.27
N ALA B 298 -11.14 -14.23 -5.12
CA ALA B 298 -12.42 -14.95 -5.09
C ALA B 298 -13.57 -14.06 -5.56
N ASN B 299 -13.58 -12.81 -5.09
CA ASN B 299 -14.60 -11.84 -5.47
C ASN B 299 -14.60 -11.54 -6.95
N VAL B 300 -13.41 -11.35 -7.52
CA VAL B 300 -13.29 -11.08 -8.94
C VAL B 300 -13.69 -12.29 -9.82
N TYR B 301 -13.27 -13.47 -9.43
CA TYR B 301 -13.72 -14.69 -10.10
C TYR B 301 -15.25 -14.77 -10.16
N ALA B 302 -15.89 -14.62 -9.02
CA ALA B 302 -17.37 -14.59 -8.90
C ALA B 302 -17.99 -13.48 -9.77
N ALA B 303 -17.45 -12.27 -9.71
CA ALA B 303 -17.99 -11.15 -10.47
C ALA B 303 -17.91 -11.35 -11.97
N LEU B 304 -16.83 -11.96 -12.44
CA LEU B 304 -16.68 -12.25 -13.86
C LEU B 304 -17.68 -13.34 -14.36
N LYS B 305 -18.04 -14.31 -13.53
CA LYS B 305 -19.07 -15.32 -13.86
C LYS B 305 -20.45 -14.67 -13.90
N ILE B 306 -20.78 -13.91 -12.87
CA ILE B 306 -22.08 -13.23 -12.76
C ILE B 306 -22.26 -12.21 -13.89
N ALA B 307 -21.16 -11.58 -14.32
CA ALA B 307 -21.15 -10.58 -15.42
C ALA B 307 -21.53 -11.18 -16.76
N GLU B 308 -21.41 -12.50 -16.89
CA GLU B 308 -21.80 -13.21 -18.13
C GLU B 308 -23.25 -13.71 -18.13
N ARG B 309 -23.98 -13.52 -17.05
CA ARG B 309 -25.40 -13.86 -17.06
C ARG B 309 -26.18 -12.93 -18.00
N PRO B 310 -27.13 -13.47 -18.78
CA PRO B 310 -27.93 -12.68 -19.70
C PRO B 310 -28.53 -11.39 -19.11
N GLU B 311 -29.09 -11.50 -17.93
CA GLU B 311 -29.78 -10.32 -17.36
C GLU B 311 -28.79 -9.30 -16.80
N MET B 312 -27.49 -9.64 -16.74
CA MET B 312 -26.46 -8.67 -16.32
C MET B 312 -25.83 -7.92 -17.47
N GLU B 313 -26.19 -8.23 -18.71
CA GLU B 313 -25.69 -7.47 -19.87
C GLU B 313 -26.14 -6.02 -19.78
N GLY B 314 -25.18 -5.10 -19.93
CA GLY B 314 -25.44 -3.67 -19.80
C GLY B 314 -25.59 -3.12 -18.38
N LYS B 315 -25.39 -3.98 -17.38
CA LYS B 315 -25.58 -3.62 -15.99
C LYS B 315 -24.23 -3.32 -15.33
N THR B 316 -24.33 -2.77 -14.13
CA THR B 316 -23.16 -2.44 -13.30
C THR B 316 -23.12 -3.35 -12.08
N ILE B 317 -22.02 -4.07 -11.99
CA ILE B 317 -21.69 -4.97 -10.92
C ILE B 317 -20.53 -4.37 -10.11
N VAL B 318 -20.72 -4.28 -8.80
CA VAL B 318 -19.70 -3.77 -7.87
C VAL B 318 -19.18 -4.87 -6.97
N THR B 319 -17.85 -4.95 -6.80
CA THR B 319 -17.31 -5.87 -5.80
C THR B 319 -16.17 -5.15 -5.05
N ILE B 320 -15.60 -5.82 -4.08
CA ILE B 320 -14.63 -5.22 -3.18
C ILE B 320 -13.28 -5.88 -3.41
N ILE B 321 -12.20 -5.08 -3.38
CA ILE B 321 -10.82 -5.62 -3.28
C ILE B 321 -10.37 -5.31 -1.83
N PRO B 322 -10.45 -6.31 -0.92
CA PRO B 322 -10.29 -5.97 0.50
C PRO B 322 -8.89 -5.53 0.95
N SER B 323 -7.86 -6.11 0.35
N SER B 323 -7.86 -6.14 0.38
CA SER B 323 -6.50 -5.94 0.87
CA SER B 323 -6.49 -6.02 0.87
C SER B 323 -5.45 -5.99 -0.22
C SER B 323 -5.48 -5.94 -0.25
N PHE B 324 -4.39 -5.20 -0.02
CA PHE B 324 -3.29 -5.14 -0.96
C PHE B 324 -2.48 -6.46 -0.89
N GLY B 325 -1.90 -6.84 -2.02
CA GLY B 325 -1.25 -8.13 -2.15
C GLY B 325 0.09 -8.32 -1.47
N GLU B 326 0.77 -7.22 -1.15
CA GLU B 326 2.18 -7.32 -0.75
C GLU B 326 2.35 -8.05 0.59
N ARG B 327 1.35 -7.89 1.44
CA ARG B 327 1.23 -8.59 2.72
C ARG B 327 1.30 -10.14 2.59
N TYR B 328 1.00 -10.64 1.39
CA TYR B 328 0.81 -12.08 1.15
C TYR B 328 1.90 -12.73 0.29
N LEU B 329 2.96 -11.99 -0.03
CA LEU B 329 4.01 -12.50 -0.91
C LEU B 329 4.70 -13.76 -0.36
N SER B 330 4.77 -13.86 0.96
CA SER B 330 5.39 -14.98 1.63
C SER B 330 4.40 -16.09 2.00
N THR B 331 3.16 -16.03 1.54
CA THR B 331 2.10 -16.96 1.93
C THR B 331 1.77 -17.91 0.79
N ALA B 332 0.87 -18.84 1.03
CA ALA B 332 0.51 -19.82 -0.02
C ALA B 332 -0.09 -19.20 -1.27
N LEU B 333 -0.68 -18.01 -1.14
CA LEU B 333 -1.30 -17.35 -2.28
C LEU B 333 -0.34 -17.15 -3.47
N TYR B 334 0.92 -16.83 -3.17
CA TYR B 334 1.88 -16.52 -4.22
C TYR B 334 3.03 -17.51 -4.24
N ARG B 335 2.86 -18.65 -3.56
N ARG B 335 2.86 -18.67 -3.58
CA ARG B 335 3.88 -19.70 -3.51
CA ARG B 335 3.88 -19.72 -3.50
C ARG B 335 4.36 -20.15 -4.89
C ARG B 335 4.35 -20.24 -4.87
N SER B 336 3.44 -20.28 -5.84
CA SER B 336 3.80 -20.70 -7.20
C SER B 336 4.86 -19.78 -7.83
N VAL B 337 4.71 -18.49 -7.62
CA VAL B 337 5.65 -17.51 -8.11
C VAL B 337 6.97 -17.54 -7.33
N ARG B 338 6.87 -17.68 -6.01
N ARG B 338 6.90 -17.68 -6.01
CA ARG B 338 8.08 -17.77 -5.19
CA ARG B 338 8.14 -17.76 -5.21
C ARG B 338 8.93 -18.98 -5.63
C ARG B 338 8.95 -19.01 -5.55
N ASP B 339 8.28 -20.12 -5.81
CA ASP B 339 8.99 -21.34 -6.27
C ASP B 339 9.63 -21.12 -7.63
N GLU B 340 8.90 -20.49 -8.56
CA GLU B 340 9.49 -20.17 -9.87
C GLU B 340 10.78 -19.34 -9.75
N VAL B 341 10.72 -18.23 -9.03
CA VAL B 341 11.88 -17.34 -8.97
C VAL B 341 13.04 -17.88 -8.14
N SER B 342 12.77 -18.89 -7.30
N SER B 342 12.79 -18.90 -7.30
CA SER B 342 13.78 -19.46 -6.42
CA SER B 342 13.81 -19.42 -6.41
C SER B 342 14.88 -20.21 -7.20
C SER B 342 14.81 -20.36 -7.11
N SER B 343 14.53 -20.74 -8.36
CA SER B 343 15.46 -21.55 -9.16
C SER B 343 15.95 -20.93 -10.47
N LEU B 344 15.79 -19.62 -10.63
CA LEU B 344 16.29 -18.94 -11.81
C LEU B 344 17.81 -19.08 -11.92
N PRO B 345 18.32 -19.17 -13.14
CA PRO B 345 19.77 -19.22 -13.37
C PRO B 345 20.40 -17.84 -13.23
N VAL B 346 21.73 -17.80 -13.23
CA VAL B 346 22.49 -16.55 -13.09
C VAL B 346 23.45 -16.44 -14.26
N VAL B 347 23.50 -15.29 -14.92
CA VAL B 347 24.43 -15.05 -16.02
C VAL B 347 25.87 -15.14 -15.46
N ASP B 348 26.77 -15.82 -16.20
CA ASP B 348 28.21 -15.90 -15.79
C ASP B 348 28.93 -14.56 -15.94
N ALA B 349 29.80 -14.21 -14.98
CA ALA B 349 30.59 -12.99 -15.08
C ALA B 349 31.37 -12.89 -16.39
N SER B 350 31.74 -14.02 -16.97
CA SER B 350 32.50 -13.99 -18.24
C SER B 350 31.73 -13.34 -19.40
N GLU B 351 30.41 -13.23 -19.26
CA GLU B 351 29.60 -12.57 -20.30
C GLU B 351 29.56 -11.04 -20.10
N LEU B 352 30.03 -10.54 -18.95
CA LEU B 352 29.70 -9.15 -18.51
C LEU B 352 30.92 -8.23 -18.30
N GLN B 353 32.09 -8.70 -18.70
CA GLN B 353 33.35 -7.98 -18.35
C GLN B 353 34.10 -7.39 -19.56
N ASP B 354 33.45 -7.38 -20.73
CA ASP B 354 34.05 -6.81 -21.94
C ASP B 354 34.37 -5.33 -21.75
N FGA C 1 22.99 -4.34 -1.20
CA FGA C 1 23.64 -5.44 -0.51
C FGA C 1 23.41 -5.33 0.98
O FGA C 1 23.71 -6.31 1.69
CB FGA C 1 23.21 -6.78 -1.12
CG FGA C 1 21.86 -7.39 -0.68
CD FGA C 1 20.66 -6.54 -1.04
OE1 FGA C 1 20.67 -5.84 -2.03
OXT FGA C 1 22.92 -4.27 1.44
N FGA C 2 19.62 -6.58 -0.19
CA FGA C 2 18.42 -5.77 -0.29
C FGA C 2 17.22 -6.55 -0.74
O FGA C 2 17.41 -7.74 -1.10
CB FGA C 2 18.08 -5.12 1.07
CG FGA C 2 19.19 -4.26 1.61
CD FGA C 2 18.68 -3.55 2.83
OE1 FGA C 2 18.69 -4.14 3.92
OXT FGA C 2 16.07 -6.02 -0.75
N FGA C 3 18.22 -2.32 2.68
CA FGA C 3 17.70 -1.58 3.85
C FGA C 3 18.79 -1.06 4.74
O FGA C 3 19.94 -0.92 4.22
CB FGA C 3 16.88 -0.36 3.44
CG FGA C 3 15.62 -0.72 2.68
CD FGA C 3 15.00 0.53 2.10
OE1 FGA C 3 14.36 1.29 2.82
OXT FGA C 3 18.51 -0.75 5.93
N FGA C 4 15.21 0.71 0.79
CA FGA C 4 14.64 1.84 0.05
C FGA C 4 15.21 3.15 0.51
O FGA C 4 16.45 3.13 0.70
CB FGA C 4 14.90 1.66 -1.44
CG FGA C 4 14.06 2.60 -2.29
CD FGA C 4 14.35 2.34 -3.76
OE1 FGA C 4 13.89 1.31 -4.28
OXT FGA C 4 14.47 4.17 0.70
N FGA C 5 15.09 3.25 -4.43
CA FGA C 5 15.51 3.06 -5.82
C FGA C 5 14.37 3.07 -6.80
O FGA C 5 14.49 2.55 -7.96
CB FGA C 5 16.49 4.18 -6.19
CG FGA C 5 17.90 3.86 -5.67
CD FGA C 5 18.86 3.83 -6.85
OE1 FGA C 5 18.90 2.77 -7.52
OE2 FGA C 5 19.54 4.86 -7.09
OXT FGA C 5 13.31 3.62 -6.43
C FGA D 1 -4.48 -13.85 2.06
O FGA D 1 -4.94 -13.37 1.05
N FGA D 2 -4.96 -13.59 3.29
CA FGA D 2 -6.07 -12.68 3.54
C FGA D 2 -7.29 -13.20 2.83
O FGA D 2 -7.81 -12.51 1.93
CB FGA D 2 -6.26 -12.47 5.05
CG FGA D 2 -7.13 -11.24 5.39
CD FGA D 2 -7.22 -11.01 6.91
OE1 FGA D 2 -6.27 -10.59 7.57
OXT FGA D 2 -7.72 -14.35 3.17
N FGA D 3 -8.38 -11.29 7.50
CA FGA D 3 -8.54 -11.13 8.94
C FGA D 3 -9.05 -9.76 9.27
O FGA D 3 -9.44 -9.08 8.31
CB FGA D 3 -9.46 -12.21 9.53
CG FGA D 3 -8.98 -13.63 9.20
CD FGA D 3 -7.80 -14.03 10.08
OE1 FGA D 3 -6.74 -13.46 9.99
OXT FGA D 3 -9.07 -9.35 10.46
N FGA D 4 -7.99 -15.03 10.95
CA FGA D 4 -6.94 -15.41 11.89
C FGA D 4 -6.93 -14.40 13.03
O FGA D 4 -5.85 -14.10 13.55
CB FGA D 4 -7.11 -16.86 12.40
CG FGA D 4 -7.08 -17.90 11.28
OXT FGA D 4 -8.02 -13.89 13.40
CL CL E . 10.72 5.79 2.22
CL CL F . -7.95 -9.25 -0.75
#